data_3LHD
#
_entry.id   3LHD
#
_cell.length_a   66.030
_cell.length_b   127.577
_cell.length_c   151.396
_cell.angle_alpha   90.00
_cell.angle_beta   90.00
_cell.angle_gamma   90.00
#
_symmetry.space_group_name_H-M   'P 21 21 21'
#
loop_
_entity.id
_entity.type
_entity.pdbx_description
1 polymer 'SAM-dependent methyltransferase, putative'
2 non-polymer S-ADENOSYL-L-HOMOCYSTEINE
3 water water
#
_entity_poly.entity_id   1
_entity_poly.type   'polypeptide(L)'
_entity_poly.pdbx_seq_one_letter_code
;MIREGDKVVLVDPRGKRYLITVSKRDFHTDLGILKLEEIIGRNFGEAIKSHKGHEFKILRPRIVDYLDKMKRGPQIVHPK
DAALIVAYAGISPGDFIVEAGVGSGALTLFLANIVGPEGRVVSYEIREDFAKLAWENIKWAGFDDRVTIKLKDIYEGIEE
ENVDHVILDLPQPERVVEHAAKALKPGGFFVAYTPCSNQVMRLHEKLREFKDYFMKPRTINVLVFDQEVKKECMRPRTTA
LVHTGYITFARRI
;
_entity_poly.pdbx_strand_id   C,A,B,D
#
loop_
_chem_comp.id
_chem_comp.type
_chem_comp.name
_chem_comp.formula
SAH non-polymer S-ADENOSYL-L-HOMOCYSTEINE 'C14 H20 N6 O5 S'
#
# COMPACT_ATOMS: atom_id res chain seq x y z
N MET A 1 44.01 -10.15 15.93
CA MET A 1 43.53 -10.91 14.75
C MET A 1 43.40 -10.01 13.52
N ILE A 2 43.12 -8.73 13.75
CA ILE A 2 43.02 -7.77 12.64
C ILE A 2 44.41 -7.27 12.25
N ARG A 3 44.69 -7.31 10.96
CA ARG A 3 45.99 -6.91 10.44
C ARG A 3 45.87 -5.73 9.49
N GLU A 4 46.97 -5.05 9.26
CA GLU A 4 47.03 -3.91 8.34
C GLU A 4 46.45 -4.29 6.99
N GLY A 5 45.58 -3.43 6.47
CA GLY A 5 44.95 -3.67 5.17
C GLY A 5 43.54 -4.22 5.25
N ASP A 6 43.24 -4.94 6.33
CA ASP A 6 41.90 -5.49 6.54
C ASP A 6 40.90 -4.34 6.70
N LYS A 7 39.64 -4.66 6.46
CA LYS A 7 38.56 -3.69 6.59
C LYS A 7 37.74 -3.92 7.85
N VAL A 8 37.21 -2.84 8.38
CA VAL A 8 36.62 -2.84 9.69
C VAL A 8 35.46 -1.84 9.75
N VAL A 9 34.40 -2.20 10.45
CA VAL A 9 33.31 -1.28 10.71
C VAL A 9 33.50 -0.72 12.10
N LEU A 10 33.73 0.57 12.19
CA LEU A 10 33.77 1.26 13.47
C LEU A 10 32.39 1.81 13.79
N VAL A 11 31.86 1.48 14.96
CA VAL A 11 30.55 2.00 15.38
C VAL A 11 30.71 2.98 16.54
N ASP A 12 30.29 4.22 16.32
CA ASP A 12 30.36 5.26 17.37
C ASP A 12 29.21 5.08 18.38
N PRO A 13 29.21 5.85 19.48
CA PRO A 13 28.14 5.72 20.49
C PRO A 13 26.71 5.96 19.98
N ARG A 14 26.57 6.82 18.97
CA ARG A 14 25.27 7.12 18.39
C ARG A 14 24.76 6.03 17.43
N GLY A 15 25.58 5.01 17.18
CA GLY A 15 25.24 3.96 16.20
C GLY A 15 25.64 4.21 14.76
N LYS A 16 26.41 5.28 14.52
CA LYS A 16 26.89 5.59 13.18
C LYS A 16 28.09 4.69 12.87
N ARG A 17 28.12 4.20 11.63
CA ARG A 17 29.12 3.23 11.18
C ARG A 17 30.11 3.86 10.21
N TYR A 18 31.37 3.45 10.32
CA TYR A 18 32.40 3.81 9.36
C TYR A 18 33.09 2.54 8.86
N LEU A 19 32.97 2.26 7.57
CA LEU A 19 33.66 1.12 6.99
C LEU A 19 35.05 1.59 6.59
N ILE A 20 36.06 1.12 7.31
CA ILE A 20 37.40 1.68 7.31
C ILE A 20 38.45 0.65 6.93
N THR A 21 39.49 1.09 6.23
CA THR A 21 40.68 0.25 6.02
C THR A 21 41.73 0.58 7.07
N VAL A 22 42.20 -0.46 7.77
CA VAL A 22 43.21 -0.32 8.80
C VAL A 22 44.57 0.04 8.23
N SER A 23 45.16 1.13 8.76
CA SER A 23 46.40 1.72 8.24
C SER A 23 46.93 2.82 9.15
N LYS A 24 48.20 3.16 8.96
CA LYS A 24 48.88 4.15 9.81
C LYS A 24 48.49 5.58 9.42
N ARG A 25 47.27 5.95 9.80
CA ARG A 25 46.76 7.28 9.57
C ARG A 25 45.74 7.61 10.65
N ASP A 26 45.48 8.88 10.89
CA ASP A 26 44.50 9.20 11.91
C ASP A 26 43.19 9.72 11.33
N PHE A 27 42.13 8.93 11.55
CA PHE A 27 40.83 9.17 10.99
C PHE A 27 40.14 10.24 11.81
N HIS A 28 39.55 11.23 11.12
CA HIS A 28 38.85 12.32 11.78
C HIS A 28 37.35 12.03 11.90
N THR A 29 36.74 12.47 13.00
CA THR A 29 35.34 12.17 13.30
C THR A 29 34.61 13.38 13.92
N ASP A 30 33.28 13.37 13.86
CA ASP A 30 32.44 14.18 14.75
C ASP A 30 33.08 14.24 16.13
N LEU A 31 33.49 13.08 16.63
CA LEU A 31 33.81 12.88 18.05
C LEU A 31 35.27 12.57 18.32
N GLY A 32 36.17 13.20 17.56
CA GLY A 32 37.59 13.07 17.83
C GLY A 32 38.38 12.25 16.84
N ILE A 33 39.68 12.15 17.09
CA ILE A 33 40.61 11.51 16.18
C ILE A 33 40.90 10.09 16.62
N LEU A 34 40.62 9.15 15.72
CA LEU A 34 40.99 7.76 15.90
C LEU A 34 42.34 7.55 15.26
N LYS A 35 43.22 6.84 15.96
CA LYS A 35 44.45 6.38 15.36
C LYS A 35 44.20 4.96 14.92
N LEU A 36 43.92 4.80 13.63
CA LEU A 36 43.55 3.50 13.08
C LEU A 36 44.61 2.41 13.26
N GLU A 37 45.84 2.81 13.56
CA GLU A 37 46.92 1.86 13.84
C GLU A 37 46.67 1.03 15.10
N GLU A 38 45.94 1.61 16.06
CA GLU A 38 45.61 0.92 17.32
C GLU A 38 44.72 -0.31 17.13
N ILE A 39 44.16 -0.44 15.93
CA ILE A 39 43.24 -1.54 15.61
C ILE A 39 43.97 -2.83 15.27
N ILE A 40 45.19 -2.71 14.74
CA ILE A 40 46.05 -3.87 14.44
C ILE A 40 46.24 -4.75 15.67
N GLY A 41 45.89 -6.02 15.54
CA GLY A 41 46.05 -7.01 16.61
C GLY A 41 44.85 -7.13 17.53
N ARG A 42 43.85 -6.29 17.33
CA ARG A 42 42.61 -6.39 18.08
C ARG A 42 41.64 -7.41 17.46
N ASN A 43 40.52 -7.65 18.15
CA ASN A 43 39.47 -8.55 17.65
C ASN A 43 38.18 -7.80 17.43
N PHE A 44 37.32 -8.34 16.58
CA PHE A 44 35.98 -7.82 16.40
C PHE A 44 35.21 -7.92 17.71
N GLY A 45 34.63 -6.80 18.14
CA GLY A 45 33.91 -6.73 19.40
C GLY A 45 34.66 -5.93 20.45
N GLU A 46 35.98 -5.78 20.26
CA GLU A 46 36.78 -4.90 21.08
C GLU A 46 36.52 -3.45 20.66
N ALA A 47 37.07 -2.49 21.40
CA ALA A 47 36.85 -1.08 21.11
C ALA A 47 38.16 -0.31 20.99
N ILE A 48 38.10 0.82 20.31
CA ILE A 48 39.17 1.82 20.28
C ILE A 48 38.53 3.15 20.67
N LYS A 49 39.33 4.04 21.28
CA LYS A 49 38.83 5.33 21.76
C LYS A 49 39.49 6.47 20.99
N SER A 50 38.70 7.50 20.65
CA SER A 50 39.24 8.67 19.97
C SER A 50 40.05 9.50 20.96
N HIS A 51 40.62 10.62 20.49
CA HIS A 51 41.46 11.43 21.38
C HIS A 51 40.66 12.14 22.48
N LYS A 52 39.36 12.33 22.25
CA LYS A 52 38.47 12.94 23.24
C LYS A 52 37.81 11.90 24.19
N GLY A 53 38.14 10.63 24.00
CA GLY A 53 37.69 9.57 24.91
C GLY A 53 36.40 8.86 24.53
N HIS A 54 35.87 9.14 23.34
CA HIS A 54 34.67 8.44 22.90
C HIS A 54 35.04 7.09 22.30
N GLU A 55 34.24 6.08 22.62
CA GLU A 55 34.52 4.69 22.29
C GLU A 55 33.86 4.27 20.99
N PHE A 56 34.66 3.74 20.08
CA PHE A 56 34.20 3.23 18.81
C PHE A 56 34.38 1.73 18.81
N LYS A 57 33.35 1.01 18.39
CA LYS A 57 33.41 -0.46 18.40
C LYS A 57 33.78 -1.03 17.04
N ILE A 58 34.53 -2.14 17.07
CA ILE A 58 35.07 -2.77 15.88
C ILE A 58 34.24 -3.98 15.47
N LEU A 59 33.53 -3.88 14.33
CA LEU A 59 32.75 -4.98 13.79
C LEU A 59 33.34 -5.47 12.48
N ARG A 60 33.13 -6.74 12.16
CA ARG A 60 33.50 -7.27 10.86
C ARG A 60 32.47 -6.79 9.82
N PRO A 61 32.95 -6.17 8.72
CA PRO A 61 32.03 -5.61 7.72
C PRO A 61 31.19 -6.71 7.08
N ARG A 62 29.90 -6.46 6.94
CA ARG A 62 29.00 -7.42 6.31
C ARG A 62 28.50 -6.86 4.97
N ILE A 63 27.70 -7.63 4.23
CA ILE A 63 27.20 -7.11 2.96
C ILE A 63 26.37 -5.82 3.16
N VAL A 64 25.59 -5.76 4.25
CA VAL A 64 24.78 -4.58 4.57
C VAL A 64 25.65 -3.35 4.75
N ASP A 65 26.83 -3.53 5.34
CA ASP A 65 27.78 -2.43 5.57
C ASP A 65 28.35 -1.92 4.25
N TYR A 66 28.85 -2.85 3.44
CA TYR A 66 29.37 -2.52 2.12
C TYR A 66 28.31 -1.84 1.28
N LEU A 67 27.11 -2.43 1.26
CA LEU A 67 26.02 -1.87 0.49
C LEU A 67 25.63 -0.49 1.01
N ASP A 68 25.56 -0.33 2.32
CA ASP A 68 25.16 0.95 2.90
C ASP A 68 26.14 2.10 2.66
N LYS A 69 27.41 1.81 2.39
CA LYS A 69 28.42 2.87 2.44
C LYS A 69 29.36 2.97 1.23
N MET A 70 28.97 2.34 0.13
CA MET A 70 29.71 2.45 -1.13
C MET A 70 29.48 3.79 -1.81
N LYS A 71 30.41 4.17 -2.69
CA LYS A 71 30.24 5.34 -3.57
C LYS A 71 29.16 5.05 -4.62
N ARG A 72 28.05 5.78 -4.52
CA ARG A 72 26.89 5.55 -5.39
C ARG A 72 26.71 6.70 -6.37
N GLY A 73 26.28 6.36 -7.60
CA GLY A 73 25.99 7.35 -8.63
C GLY A 73 24.49 7.39 -8.86
N PRO A 74 23.74 8.05 -7.93
CA PRO A 74 22.28 7.92 -7.72
C PRO A 74 21.42 7.87 -9.00
N GLN A 75 20.46 6.93 -9.06
CA GLN A 75 20.22 5.99 -7.95
C GLN A 75 20.85 4.60 -8.19
N ILE A 76 20.09 3.56 -7.80
CA ILE A 76 20.53 2.17 -7.81
C ILE A 76 19.30 1.26 -7.89
N VAL A 77 19.52 -0.04 -7.73
CA VAL A 77 18.46 -0.98 -7.37
C VAL A 77 18.48 -1.13 -5.85
N HIS A 78 17.33 -0.87 -5.22
CA HIS A 78 17.26 -0.86 -3.77
C HIS A 78 17.22 -2.27 -3.17
N PRO A 79 17.73 -2.41 -1.93
CA PRO A 79 17.73 -3.63 -1.13
C PRO A 79 16.49 -4.48 -1.31
N LYS A 80 15.33 -3.86 -1.13
CA LYS A 80 14.05 -4.56 -1.23
C LYS A 80 13.77 -5.16 -2.61
N ASP A 81 14.26 -4.51 -3.66
CA ASP A 81 14.06 -5.03 -5.02
C ASP A 81 15.01 -6.19 -5.28
N ALA A 82 16.27 -6.01 -4.87
CA ALA A 82 17.27 -7.06 -4.88
C ALA A 82 16.79 -8.28 -4.09
N ALA A 83 16.07 -8.02 -3.01
CA ALA A 83 15.55 -9.08 -2.13
C ALA A 83 14.51 -9.95 -2.81
N LEU A 84 13.58 -9.32 -3.50
CA LEU A 84 12.49 -10.06 -4.15
C LEU A 84 12.99 -10.78 -5.39
N ILE A 85 13.99 -10.21 -6.05
CA ILE A 85 14.64 -10.81 -7.19
C ILE A 85 15.29 -12.12 -6.74
N VAL A 86 15.99 -12.06 -5.61
CA VAL A 86 16.61 -13.24 -5.02
C VAL A 86 15.55 -14.27 -4.64
N ALA A 87 14.51 -13.84 -3.93
CA ALA A 87 13.46 -14.74 -3.46
C ALA A 87 12.67 -15.39 -4.59
N TYR A 88 12.00 -14.60 -5.41
CA TYR A 88 11.11 -15.16 -6.43
C TYR A 88 11.83 -15.82 -7.60
N ALA A 89 13.08 -15.43 -7.86
CA ALA A 89 13.89 -16.12 -8.88
C ALA A 89 14.63 -17.31 -8.27
N GLY A 90 14.67 -17.35 -6.94
CA GLY A 90 15.34 -18.42 -6.23
C GLY A 90 16.83 -18.46 -6.46
N ILE A 91 17.47 -17.29 -6.58
CA ILE A 91 18.92 -17.21 -6.73
C ILE A 91 19.62 -17.87 -5.54
N SER A 92 20.68 -18.61 -5.84
CA SER A 92 21.26 -19.55 -4.90
C SER A 92 22.78 -19.53 -4.95
N PRO A 93 23.44 -19.96 -3.85
CA PRO A 93 24.90 -20.18 -3.88
C PRO A 93 25.27 -21.09 -5.04
N GLY A 94 26.29 -20.72 -5.79
CA GLY A 94 26.76 -21.51 -6.93
C GLY A 94 26.22 -21.05 -8.28
N ASP A 95 25.15 -20.26 -8.26
CA ASP A 95 24.55 -19.78 -9.51
C ASP A 95 25.49 -18.94 -10.38
N PHE A 96 25.28 -19.07 -11.69
CA PHE A 96 25.99 -18.32 -12.69
C PHE A 96 25.01 -17.28 -13.22
N ILE A 97 25.35 -16.01 -12.98
CA ILE A 97 24.46 -14.88 -13.26
C ILE A 97 25.10 -13.93 -14.27
N VAL A 98 24.34 -13.60 -15.31
CA VAL A 98 24.66 -12.49 -16.21
C VAL A 98 23.77 -11.32 -15.80
N GLU A 99 24.37 -10.15 -15.60
CA GLU A 99 23.56 -8.95 -15.35
C GLU A 99 24.01 -7.78 -16.21
N ALA A 100 23.05 -6.95 -16.61
CA ALA A 100 23.37 -5.77 -17.41
C ALA A 100 22.78 -4.53 -16.79
N GLY A 101 23.63 -3.52 -16.72
CA GLY A 101 23.41 -2.35 -15.96
C GLY A 101 24.18 -2.58 -14.69
N VAL A 102 25.51 -2.48 -14.76
CA VAL A 102 26.31 -2.61 -13.55
C VAL A 102 26.20 -1.38 -12.64
N GLY A 103 25.96 -0.22 -13.23
CA GLY A 103 25.88 1.05 -12.49
C GLY A 103 27.03 1.17 -11.50
N SER A 104 26.70 1.54 -10.26
CA SER A 104 27.68 1.64 -9.18
C SER A 104 28.17 0.28 -8.69
N GLY A 105 27.45 -0.78 -9.05
CA GLY A 105 27.78 -2.12 -8.60
C GLY A 105 26.92 -2.65 -7.47
N ALA A 106 25.85 -1.92 -7.13
CA ALA A 106 25.02 -2.28 -5.97
C ALA A 106 24.31 -3.62 -6.12
N LEU A 107 23.54 -3.77 -7.19
CA LEU A 107 22.90 -5.04 -7.47
C LEU A 107 23.95 -6.14 -7.62
N THR A 108 25.09 -5.78 -8.20
CA THR A 108 26.16 -6.74 -8.40
C THR A 108 26.72 -7.23 -7.06
N LEU A 109 26.98 -6.31 -6.13
CA LEU A 109 27.48 -6.67 -4.81
C LEU A 109 26.52 -7.61 -4.08
N PHE A 110 25.24 -7.28 -4.15
CA PHE A 110 24.20 -8.11 -3.54
C PHE A 110 24.15 -9.49 -4.17
N LEU A 111 24.13 -9.55 -5.50
CA LEU A 111 24.06 -10.84 -6.20
C LEU A 111 25.31 -11.68 -5.97
N ALA A 112 26.47 -11.03 -6.01
CA ALA A 112 27.74 -11.68 -5.70
C ALA A 112 27.73 -12.34 -4.31
N ASN A 113 27.17 -11.63 -3.32
CA ASN A 113 27.09 -12.16 -1.98
C ASN A 113 26.23 -13.41 -1.95
N ILE A 114 25.08 -13.38 -2.60
CA ILE A 114 24.17 -14.51 -2.59
C ILE A 114 24.78 -15.75 -3.24
N VAL A 115 25.49 -15.58 -4.36
CA VAL A 115 26.07 -16.73 -5.09
C VAL A 115 27.37 -17.28 -4.49
N GLY A 116 27.95 -16.54 -3.54
CA GLY A 116 29.17 -16.98 -2.84
C GLY A 116 30.43 -17.07 -3.69
N PRO A 117 31.57 -17.42 -3.06
CA PRO A 117 32.90 -17.51 -3.69
C PRO A 117 32.96 -18.44 -4.91
N GLU A 118 32.05 -19.42 -4.98
CA GLU A 118 32.02 -20.38 -6.08
C GLU A 118 30.94 -20.08 -7.13
N GLY A 119 30.23 -18.97 -6.99
CA GLY A 119 29.28 -18.52 -8.00
C GLY A 119 29.94 -17.49 -8.89
N ARG A 120 29.34 -17.19 -10.03
CA ARG A 120 29.90 -16.22 -10.97
C ARG A 120 28.88 -15.15 -11.34
N VAL A 121 29.26 -13.89 -11.21
CA VAL A 121 28.45 -12.82 -11.77
C VAL A 121 29.22 -12.14 -12.89
N VAL A 122 28.61 -12.11 -14.09
CA VAL A 122 29.15 -11.36 -15.22
C VAL A 122 28.26 -10.15 -15.46
N SER A 123 28.82 -8.97 -15.25
CA SER A 123 28.12 -7.71 -15.49
C SER A 123 28.50 -7.02 -16.79
N TYR A 124 27.49 -6.61 -17.55
CA TYR A 124 27.69 -5.82 -18.76
C TYR A 124 27.50 -4.35 -18.43
N GLU A 125 28.27 -3.50 -19.11
CA GLU A 125 28.18 -2.05 -18.95
C GLU A 125 28.61 -1.40 -20.26
N ILE A 126 28.01 -0.26 -20.59
CA ILE A 126 28.36 0.45 -21.83
C ILE A 126 29.07 1.76 -21.51
N ARG A 127 28.95 2.20 -20.28
CA ARG A 127 29.52 3.45 -19.83
C ARG A 127 30.84 3.16 -19.12
N GLU A 128 31.94 3.70 -19.66
CA GLU A 128 33.28 3.44 -19.15
C GLU A 128 33.46 3.85 -17.70
N ASP A 129 33.00 5.05 -17.35
CA ASP A 129 33.20 5.57 -15.99
C ASP A 129 32.43 4.79 -14.92
N PHE A 130 31.25 4.28 -15.26
CA PHE A 130 30.49 3.42 -14.35
C PHE A 130 31.18 2.07 -14.14
N ALA A 131 31.79 1.53 -15.20
CA ALA A 131 32.54 0.26 -15.08
C ALA A 131 33.75 0.40 -14.15
N LYS A 132 34.46 1.51 -14.25
CA LYS A 132 35.69 1.72 -13.48
C LYS A 132 35.36 1.94 -12.01
N LEU A 133 34.23 2.58 -11.73
CA LEU A 133 33.80 2.86 -10.38
C LEU A 133 33.10 1.64 -9.71
N ALA A 134 32.29 0.90 -10.49
CA ALA A 134 31.72 -0.36 -10.02
C ALA A 134 32.82 -1.33 -9.58
N TRP A 135 33.77 -1.56 -10.47
CA TRP A 135 34.91 -2.45 -10.20
C TRP A 135 35.65 -2.09 -8.93
N GLU A 136 35.81 -0.79 -8.68
CA GLU A 136 36.44 -0.33 -7.47
C GLU A 136 35.56 -0.69 -6.26
N ASN A 137 34.24 -0.58 -6.41
CA ASN A 137 33.33 -1.00 -5.37
C ASN A 137 33.38 -2.49 -5.10
N ILE A 138 33.48 -3.29 -6.16
CA ILE A 138 33.50 -4.73 -5.99
C ILE A 138 34.81 -5.28 -5.40
N LYS A 139 35.94 -4.66 -5.73
CA LYS A 139 37.24 -5.00 -5.14
C LYS A 139 37.23 -4.63 -3.67
N TRP A 140 36.71 -3.45 -3.38
CA TRP A 140 36.61 -2.92 -2.04
C TRP A 140 35.78 -3.83 -1.15
N ALA A 141 34.77 -4.48 -1.73
CA ALA A 141 33.91 -5.41 -1.01
C ALA A 141 34.46 -6.83 -0.95
N GLY A 142 35.55 -7.08 -1.65
CA GLY A 142 36.16 -8.41 -1.67
C GLY A 142 35.61 -9.39 -2.71
N PHE A 143 34.75 -8.92 -3.62
CA PHE A 143 34.13 -9.81 -4.61
C PHE A 143 34.91 -9.87 -5.91
N ASP A 144 36.04 -9.18 -5.89
CA ASP A 144 37.20 -9.37 -6.76
C ASP A 144 37.24 -10.78 -7.40
N ASP A 145 37.11 -11.82 -6.59
CA ASP A 145 37.19 -13.20 -7.08
C ASP A 145 36.02 -13.75 -7.90
N ARG A 146 34.83 -13.15 -7.81
CA ARG A 146 33.65 -13.80 -8.41
C ARG A 146 32.92 -13.00 -9.48
N VAL A 147 33.32 -11.74 -9.66
CA VAL A 147 32.62 -10.84 -10.56
C VAL A 147 33.53 -10.42 -11.70
N THR A 148 32.97 -10.35 -12.90
CA THR A 148 33.65 -9.89 -14.11
C THR A 148 32.77 -8.84 -14.75
N ILE A 149 33.36 -7.69 -15.05
CA ILE A 149 32.67 -6.60 -15.73
C ILE A 149 33.07 -6.56 -17.19
N LYS A 150 32.09 -6.68 -18.09
CA LYS A 150 32.38 -6.56 -19.51
C LYS A 150 31.91 -5.21 -20.03
N LEU A 151 32.86 -4.42 -20.49
CA LEU A 151 32.57 -3.17 -21.18
C LEU A 151 31.97 -3.49 -22.55
N LYS A 152 30.69 -3.86 -22.55
CA LYS A 152 30.05 -4.40 -23.72
C LYS A 152 28.53 -4.21 -23.65
N ASP A 153 27.93 -3.88 -24.79
CA ASP A 153 26.50 -3.64 -24.95
C ASP A 153 25.76 -4.96 -25.05
N ILE A 154 25.10 -5.35 -23.96
CA ILE A 154 24.36 -6.62 -23.90
C ILE A 154 23.30 -6.76 -25.00
N TYR A 155 22.84 -5.65 -25.58
CA TYR A 155 21.84 -5.70 -26.67
C TYR A 155 22.36 -6.45 -27.89
N GLU A 156 23.67 -6.34 -28.13
CA GLU A 156 24.34 -6.98 -29.25
C GLU A 156 24.55 -8.47 -29.07
N GLY A 157 24.33 -8.96 -27.85
CA GLY A 157 24.38 -10.40 -27.60
C GLY A 157 24.98 -10.78 -26.26
N ILE A 158 24.71 -12.03 -25.86
CA ILE A 158 25.26 -12.60 -24.64
C ILE A 158 26.20 -13.75 -25.00
N GLU A 159 27.49 -13.51 -24.77
CA GLU A 159 28.54 -14.49 -25.03
C GLU A 159 28.38 -15.76 -24.19
N GLU A 160 27.93 -15.61 -22.94
CA GLU A 160 27.85 -16.71 -22.00
C GLU A 160 26.76 -17.71 -22.36
N GLU A 161 26.94 -18.95 -21.92
CA GLU A 161 25.90 -19.97 -22.05
C GLU A 161 25.72 -20.76 -20.75
N ASN A 162 24.60 -21.46 -20.64
CA ASN A 162 24.22 -22.21 -19.45
C ASN A 162 24.17 -21.33 -18.20
N VAL A 163 23.60 -20.14 -18.36
CA VAL A 163 23.46 -19.22 -17.25
C VAL A 163 22.19 -19.54 -16.45
N ASP A 164 22.26 -19.33 -15.14
CA ASP A 164 21.15 -19.59 -14.24
C ASP A 164 20.15 -18.45 -14.26
N HIS A 165 20.63 -17.23 -14.38
CA HIS A 165 19.78 -16.05 -14.34
C HIS A 165 20.31 -14.92 -15.20
N VAL A 166 19.42 -14.30 -15.95
CA VAL A 166 19.75 -13.04 -16.58
C VAL A 166 18.98 -11.97 -15.84
N ILE A 167 19.71 -11.02 -15.27
CA ILE A 167 19.09 -10.03 -14.40
C ILE A 167 19.40 -8.65 -14.95
N LEU A 168 18.35 -7.89 -15.23
CA LEU A 168 18.48 -6.65 -15.97
C LEU A 168 17.85 -5.47 -15.27
N ASP A 169 18.50 -4.32 -15.38
CA ASP A 169 17.88 -3.09 -14.93
C ASP A 169 18.16 -1.93 -15.91
N LEU A 170 18.33 -2.27 -17.19
CA LEU A 170 18.60 -1.29 -18.25
C LEU A 170 17.32 -0.78 -18.91
N PRO A 171 17.40 0.29 -19.74
CA PRO A 171 16.15 0.89 -20.27
C PRO A 171 15.26 -0.04 -21.08
N GLN A 172 15.84 -0.92 -21.90
CA GLN A 172 15.07 -1.77 -22.80
C GLN A 172 15.36 -3.26 -22.64
N PRO A 173 14.88 -3.89 -21.55
CA PRO A 173 15.12 -5.33 -21.35
C PRO A 173 14.53 -6.21 -22.45
N GLU A 174 13.61 -5.67 -23.25
CA GLU A 174 12.96 -6.46 -24.32
C GLU A 174 13.95 -6.83 -25.40
N ARG A 175 14.96 -5.99 -25.57
CA ARG A 175 16.01 -6.22 -26.54
C ARG A 175 17.03 -7.25 -26.09
N VAL A 176 16.84 -7.78 -24.89
CA VAL A 176 17.70 -8.84 -24.36
C VAL A 176 16.97 -10.19 -24.32
N VAL A 177 15.63 -10.15 -24.43
CA VAL A 177 14.80 -11.35 -24.30
C VAL A 177 15.23 -12.50 -25.18
N GLU A 178 15.52 -12.22 -26.45
CA GLU A 178 15.87 -13.28 -27.38
C GLU A 178 17.19 -13.92 -27.00
N HIS A 179 18.16 -13.08 -26.63
CA HIS A 179 19.48 -13.57 -26.24
C HIS A 179 19.42 -14.39 -24.96
N ALA A 180 18.57 -13.97 -24.02
CA ALA A 180 18.42 -14.66 -22.73
C ALA A 180 17.88 -16.08 -22.91
N ALA A 181 16.94 -16.26 -23.83
CA ALA A 181 16.37 -17.58 -24.12
C ALA A 181 17.43 -18.58 -24.60
N LYS A 182 18.49 -18.09 -25.25
CA LYS A 182 19.57 -18.94 -25.70
C LYS A 182 20.58 -19.17 -24.57
N ALA A 183 20.89 -18.11 -23.82
CA ALA A 183 21.88 -18.19 -22.74
C ALA A 183 21.44 -18.98 -21.52
N LEU A 184 20.15 -18.92 -21.19
CA LEU A 184 19.63 -19.52 -19.96
C LEU A 184 19.49 -21.03 -19.98
N LYS A 185 19.89 -21.65 -18.87
CA LYS A 185 19.58 -23.05 -18.62
C LYS A 185 18.07 -23.29 -18.77
N PRO A 186 17.68 -24.52 -19.15
CA PRO A 186 16.30 -24.92 -18.91
C PRO A 186 15.95 -24.60 -17.45
N GLY A 187 14.78 -23.99 -17.22
CA GLY A 187 14.37 -23.56 -15.89
C GLY A 187 15.10 -22.35 -15.33
N GLY A 188 15.92 -21.71 -16.15
CA GLY A 188 16.61 -20.48 -15.72
C GLY A 188 15.69 -19.27 -15.72
N PHE A 189 16.08 -18.21 -15.00
CA PHE A 189 15.21 -17.03 -14.91
C PHE A 189 15.65 -15.80 -15.66
N PHE A 190 14.70 -15.19 -16.34
CA PHE A 190 14.86 -13.85 -16.90
C PHE A 190 14.18 -12.89 -15.92
N VAL A 191 14.93 -11.87 -15.49
CA VAL A 191 14.43 -10.93 -14.50
C VAL A 191 14.75 -9.51 -14.92
N ALA A 192 13.74 -8.65 -14.93
CA ALA A 192 13.97 -7.26 -15.26
C ALA A 192 13.36 -6.25 -14.28
N TYR A 193 14.12 -5.20 -14.01
CA TYR A 193 13.69 -4.10 -13.17
C TYR A 193 13.42 -2.88 -14.06
N THR A 194 12.21 -2.35 -13.95
CA THR A 194 11.77 -1.22 -14.78
C THR A 194 10.96 -0.21 -13.95
N PRO A 195 11.42 1.04 -13.87
CA PRO A 195 10.64 2.06 -13.17
C PRO A 195 9.26 2.38 -13.78
N CYS A 196 9.12 2.35 -15.10
CA CYS A 196 7.88 2.81 -15.75
C CYS A 196 6.92 1.71 -16.14
N SER A 197 5.62 2.03 -16.08
CA SER A 197 4.57 1.23 -16.70
C SER A 197 4.91 0.85 -18.13
N ASN A 198 5.39 1.83 -18.90
CA ASN A 198 5.62 1.66 -20.33
C ASN A 198 6.59 0.52 -20.61
N GLN A 199 7.69 0.53 -19.86
CA GLN A 199 8.73 -0.49 -19.95
C GLN A 199 8.18 -1.90 -19.70
N VAL A 200 7.29 -2.02 -18.72
CA VAL A 200 6.58 -3.28 -18.45
C VAL A 200 5.74 -3.73 -19.64
N MET A 201 4.89 -2.84 -20.15
CA MET A 201 4.05 -3.14 -21.33
C MET A 201 4.90 -3.69 -22.49
N ARG A 202 5.95 -2.97 -22.86
CA ARG A 202 6.84 -3.39 -23.93
C ARG A 202 7.40 -4.78 -23.64
N LEU A 203 8.00 -4.93 -22.46
CA LEU A 203 8.60 -6.19 -22.05
C LEU A 203 7.61 -7.34 -22.08
N HIS A 204 6.41 -7.13 -21.55
CA HIS A 204 5.39 -8.18 -21.52
C HIS A 204 4.96 -8.63 -22.92
N GLU A 205 5.00 -7.70 -23.87
CA GLU A 205 4.59 -8.01 -25.23
C GLU A 205 5.67 -8.82 -25.95
N LYS A 206 6.92 -8.44 -25.72
CA LYS A 206 8.09 -9.17 -26.21
C LYS A 206 8.10 -10.58 -25.64
N LEU A 207 7.82 -10.69 -24.34
CA LEU A 207 7.75 -11.99 -23.68
C LEU A 207 6.61 -12.86 -24.16
N ARG A 208 5.57 -12.22 -24.69
CA ARG A 208 4.48 -12.93 -25.38
C ARG A 208 4.93 -13.46 -26.74
N GLU A 209 5.66 -12.66 -27.52
CA GLU A 209 6.27 -13.11 -28.77
C GLU A 209 7.08 -14.39 -28.51
N PHE A 210 7.78 -14.41 -27.37
CA PHE A 210 8.57 -15.55 -26.98
C PHE A 210 7.84 -16.41 -25.96
N LYS A 211 6.60 -16.77 -26.29
CA LYS A 211 5.82 -17.69 -25.48
C LYS A 211 6.42 -19.09 -25.51
N ASP A 212 7.08 -19.42 -26.61
CA ASP A 212 7.65 -20.76 -26.81
C ASP A 212 8.94 -20.98 -26.02
N TYR A 213 9.49 -19.90 -25.47
CA TYR A 213 10.77 -19.96 -24.77
C TYR A 213 10.67 -19.65 -23.27
N PHE A 214 9.56 -19.02 -22.87
CA PHE A 214 9.33 -18.62 -21.48
C PHE A 214 7.95 -19.03 -20.99
N MET A 215 7.87 -19.33 -19.69
CA MET A 215 6.59 -19.48 -18.99
C MET A 215 5.88 -18.12 -18.91
N LYS A 216 4.62 -18.12 -18.49
CA LYS A 216 3.84 -16.87 -18.35
C LYS A 216 4.52 -15.95 -17.35
N PRO A 217 4.82 -14.71 -17.77
CA PRO A 217 5.58 -13.76 -16.97
C PRO A 217 4.84 -13.30 -15.72
N ARG A 218 5.58 -12.73 -14.77
CA ARG A 218 4.99 -12.20 -13.54
C ARG A 218 5.63 -10.87 -13.22
N THR A 219 4.79 -9.86 -13.02
CA THR A 219 5.27 -8.52 -12.71
C THR A 219 4.78 -8.12 -11.32
N ILE A 220 5.74 -7.72 -10.48
CA ILE A 220 5.43 -7.33 -9.10
C ILE A 220 5.95 -5.92 -8.79
N ASN A 221 5.48 -5.39 -7.68
CA ASN A 221 5.94 -4.13 -7.17
C ASN A 221 6.03 -4.31 -5.66
N VAL A 222 7.19 -3.97 -5.08
CA VAL A 222 7.35 -4.13 -3.62
C VAL A 222 7.36 -2.81 -2.84
N LEU A 223 6.55 -2.76 -1.78
CA LEU A 223 6.53 -1.61 -0.90
C LEU A 223 6.97 -1.99 0.50
N VAL A 224 7.82 -1.17 1.11
CA VAL A 224 8.27 -1.43 2.47
C VAL A 224 7.90 -0.24 3.36
N PHE A 225 7.08 -0.52 4.37
CA PHE A 225 6.67 0.48 5.33
C PHE A 225 7.46 0.30 6.63
N ASP A 226 8.24 1.32 6.98
CA ASP A 226 8.87 1.37 8.30
C ASP A 226 7.83 1.73 9.35
N GLN A 227 7.91 1.08 10.51
CA GLN A 227 7.01 1.37 11.61
C GLN A 227 7.72 2.23 12.63
N GLU A 228 7.05 3.27 13.10
CA GLU A 228 7.60 4.05 14.19
C GLU A 228 7.04 3.49 15.51
N VAL A 229 7.92 2.88 16.29
CA VAL A 229 7.54 2.24 17.54
C VAL A 229 8.08 3.03 18.72
N LYS A 230 7.21 3.33 19.68
CA LYS A 230 7.59 4.05 20.88
C LYS A 230 6.84 3.47 22.07
N LYS A 231 7.06 4.05 23.25
CA LYS A 231 6.37 3.60 24.46
C LYS A 231 4.86 3.62 24.24
N GLU A 232 4.31 4.81 23.99
CA GLU A 232 2.88 4.94 23.72
C GLU A 232 2.58 4.59 22.27
N CYS A 233 2.73 5.57 21.38
CA CYS A 233 2.27 5.45 20.00
C CYS A 233 3.07 4.51 19.10
N MET A 234 2.43 3.43 18.65
CA MET A 234 2.94 2.69 17.50
C MET A 234 2.08 2.96 16.26
N ARG A 235 2.74 3.44 15.20
CA ARG A 235 2.08 3.82 13.96
C ARG A 235 3.06 3.68 12.78
N PRO A 236 2.54 3.49 11.56
CA PRO A 236 3.45 3.54 10.41
C PRO A 236 4.15 4.90 10.35
N ARG A 237 5.39 4.91 9.88
CA ARG A 237 6.10 6.15 9.58
C ARG A 237 5.29 6.92 8.54
N THR A 238 5.17 8.22 8.76
CA THR A 238 4.27 9.10 8.01
C THR A 238 4.49 9.13 6.50
N THR A 239 5.75 9.27 6.09
CA THR A 239 6.17 9.20 4.69
C THR A 239 6.92 7.88 4.44
N ALA A 240 6.90 7.39 3.20
CA ALA A 240 7.64 6.18 2.82
C ALA A 240 8.06 6.22 1.35
N LEU A 241 8.99 5.33 1.00
CA LEU A 241 9.37 5.12 -0.40
C LEU A 241 8.35 4.20 -1.02
N VAL A 242 7.53 4.78 -1.89
CA VAL A 242 6.36 4.10 -2.43
C VAL A 242 6.67 3.36 -3.72
N HIS A 243 7.60 3.88 -4.49
CA HIS A 243 7.89 3.25 -5.76
C HIS A 243 9.32 3.42 -6.24
N THR A 244 9.94 2.29 -6.52
CA THR A 244 11.25 2.28 -7.15
C THR A 244 11.06 1.78 -8.59
N GLY A 245 10.75 0.49 -8.75
CA GLY A 245 10.47 -0.06 -10.06
C GLY A 245 9.59 -1.30 -10.04
N TYR A 246 9.28 -1.83 -11.21
CA TYR A 246 8.60 -3.12 -11.31
C TYR A 246 9.62 -4.19 -11.61
N ILE A 247 9.30 -5.40 -11.19
CA ILE A 247 10.15 -6.52 -11.45
C ILE A 247 9.33 -7.56 -12.17
N THR A 248 9.87 -8.01 -13.30
CA THR A 248 9.22 -9.00 -14.11
C THR A 248 10.08 -10.24 -14.09
N PHE A 249 9.45 -11.37 -13.81
CA PHE A 249 10.12 -12.67 -13.84
C PHE A 249 9.53 -13.52 -14.95
N ALA A 250 10.38 -14.32 -15.60
CA ALA A 250 9.93 -15.31 -16.57
C ALA A 250 10.87 -16.50 -16.57
N ARG A 251 10.31 -17.67 -16.31
CA ARG A 251 11.04 -18.94 -16.34
C ARG A 251 11.30 -19.34 -17.78
N ARG A 252 12.48 -19.92 -18.02
CA ARG A 252 12.87 -20.34 -19.37
C ARG A 252 12.37 -21.76 -19.69
N ILE A 253 11.65 -21.88 -20.81
CA ILE A 253 10.95 -23.10 -21.28
C ILE A 253 10.17 -23.87 -20.19
N MET B 1 -21.29 42.59 -11.63
CA MET B 1 -22.08 41.61 -10.83
C MET B 1 -21.49 41.34 -9.44
N ILE B 2 -20.16 41.19 -9.37
CA ILE B 2 -19.46 40.96 -8.09
C ILE B 2 -19.24 42.30 -7.36
N ARG B 3 -19.88 42.45 -6.20
CA ARG B 3 -19.80 43.69 -5.42
C ARG B 3 -18.75 43.63 -4.31
N GLU B 4 -18.58 44.74 -3.59
CA GLU B 4 -17.62 44.86 -2.49
C GLU B 4 -17.98 43.92 -1.34
N GLY B 5 -16.96 43.33 -0.72
CA GLY B 5 -17.14 42.46 0.44
C GLY B 5 -17.26 40.99 0.13
N ASP B 6 -17.33 40.67 -1.16
CA ASP B 6 -17.39 39.29 -1.63
C ASP B 6 -16.01 38.64 -1.67
N LYS B 7 -15.97 37.31 -1.80
CA LYS B 7 -14.71 36.58 -1.85
C LYS B 7 -14.40 36.04 -3.24
N VAL B 8 -13.11 36.05 -3.59
CA VAL B 8 -12.64 35.76 -4.95
C VAL B 8 -11.25 35.08 -4.92
N VAL B 9 -11.05 34.11 -5.81
CA VAL B 9 -9.77 33.42 -5.98
C VAL B 9 -9.04 33.94 -7.23
N LEU B 10 -7.76 34.28 -7.07
CA LEU B 10 -6.95 34.77 -8.20
C LEU B 10 -5.93 33.75 -8.68
N VAL B 11 -6.04 33.40 -9.96
CA VAL B 11 -5.17 32.42 -10.59
C VAL B 11 -4.17 33.11 -11.52
N ASP B 12 -2.89 32.77 -11.36
CA ASP B 12 -1.81 33.35 -12.15
C ASP B 12 -1.24 32.35 -13.17
N PRO B 13 -0.47 32.84 -14.17
CA PRO B 13 0.12 32.00 -15.24
C PRO B 13 0.98 30.80 -14.80
N ARG B 14 1.18 30.63 -13.49
CA ARG B 14 1.89 29.46 -12.98
C ARG B 14 0.90 28.40 -12.52
N GLY B 15 -0.20 28.85 -11.90
CA GLY B 15 -1.23 27.96 -11.37
C GLY B 15 -1.62 28.29 -9.93
N LYS B 16 -0.78 29.06 -9.25
CA LYS B 16 -0.99 29.42 -7.83
C LYS B 16 -2.27 30.21 -7.60
N ARG B 17 -2.91 29.99 -6.45
CA ARG B 17 -4.19 30.62 -6.10
C ARG B 17 -4.07 31.57 -4.90
N TYR B 18 -4.83 32.66 -4.94
CA TYR B 18 -4.94 33.60 -3.82
C TYR B 18 -6.41 33.87 -3.52
N LEU B 19 -6.84 33.58 -2.30
CA LEU B 19 -8.22 33.81 -1.89
C LEU B 19 -8.32 35.10 -1.07
N ILE B 20 -9.04 36.09 -1.60
CA ILE B 20 -9.15 37.39 -0.95
C ILE B 20 -10.59 37.92 -0.90
N THR B 21 -10.87 38.78 0.09
CA THR B 21 -12.10 39.55 0.14
C THR B 21 -11.90 40.79 -0.75
N VAL B 22 -12.80 40.96 -1.71
CA VAL B 22 -12.68 42.03 -2.71
C VAL B 22 -12.96 43.43 -2.15
N SER B 23 -11.91 44.24 -2.07
CA SER B 23 -12.01 45.66 -1.69
C SER B 23 -10.92 46.50 -2.38
N LYS B 24 -11.19 47.80 -2.53
CA LYS B 24 -10.31 48.71 -3.28
C LYS B 24 -8.99 48.99 -2.56
N ARG B 25 -7.94 48.32 -3.01
CA ARG B 25 -6.57 48.48 -2.47
C ARG B 25 -5.55 47.81 -3.39
N ASP B 26 -4.37 48.43 -3.52
CA ASP B 26 -3.28 47.86 -4.31
C ASP B 26 -2.68 46.62 -3.64
N PHE B 27 -3.20 45.45 -4.02
CA PHE B 27 -2.84 44.17 -3.40
C PHE B 27 -1.44 43.71 -3.77
N HIS B 28 -0.58 43.63 -2.75
CA HIS B 28 0.83 43.27 -2.93
C HIS B 28 1.01 41.80 -3.29
N THR B 29 1.67 41.55 -4.42
CA THR B 29 1.89 40.19 -4.93
C THR B 29 3.25 40.01 -5.61
N ASP B 30 3.58 38.75 -5.87
CA ASP B 30 4.88 38.35 -6.43
C ASP B 30 5.13 38.91 -7.84
N LEU B 31 4.06 39.02 -8.63
CA LEU B 31 4.17 39.51 -10.01
C LEU B 31 3.71 40.97 -10.15
N GLY B 32 3.64 41.68 -9.04
CA GLY B 32 3.31 43.11 -9.05
C GLY B 32 1.96 43.44 -8.43
N ILE B 33 1.76 44.74 -8.16
CA ILE B 33 0.52 45.25 -7.54
C ILE B 33 -0.72 44.85 -8.33
N LEU B 34 -1.77 44.46 -7.61
CA LEU B 34 -3.01 44.01 -8.24
C LEU B 34 -4.00 45.15 -8.45
N LYS B 35 -4.30 45.89 -7.38
CA LYS B 35 -5.36 46.91 -7.36
C LYS B 35 -6.74 46.30 -7.60
N LEU B 36 -7.40 45.89 -6.51
CA LEU B 36 -8.70 45.22 -6.59
C LEU B 36 -9.85 46.23 -6.68
N GLU B 37 -9.75 47.14 -7.63
CA GLU B 37 -10.84 48.04 -8.00
C GLU B 37 -11.28 47.74 -9.44
N GLU B 38 -10.39 47.13 -10.22
CA GLU B 38 -10.69 46.65 -11.57
C GLU B 38 -11.56 45.40 -11.57
N ILE B 39 -11.58 44.70 -10.44
CA ILE B 39 -12.32 43.44 -10.29
C ILE B 39 -13.82 43.64 -10.01
N ILE B 40 -14.16 44.69 -9.25
CA ILE B 40 -15.55 44.97 -8.88
C ILE B 40 -16.42 45.20 -10.13
N GLY B 41 -17.59 44.55 -10.15
CA GLY B 41 -18.50 44.65 -11.30
C GLY B 41 -18.23 43.65 -12.42
N ARG B 42 -17.21 42.82 -12.23
CA ARG B 42 -16.86 41.78 -13.22
C ARG B 42 -17.64 40.47 -13.01
N ASN B 43 -17.39 39.50 -13.89
CA ASN B 43 -17.98 38.16 -13.80
C ASN B 43 -16.89 37.09 -13.64
N PHE B 44 -17.28 35.89 -13.22
CA PHE B 44 -16.35 34.77 -13.10
C PHE B 44 -15.94 34.25 -14.47
N GLY B 45 -14.65 34.00 -14.65
CA GLY B 45 -14.10 33.58 -15.92
C GLY B 45 -13.44 34.73 -16.66
N GLU B 46 -13.63 35.93 -16.14
CA GLU B 46 -12.97 37.12 -16.67
C GLU B 46 -11.53 37.22 -16.18
N ALA B 47 -10.79 38.17 -16.75
CA ALA B 47 -9.41 38.39 -16.36
C ALA B 47 -9.14 39.83 -15.96
N ILE B 48 -8.24 40.01 -15.00
CA ILE B 48 -7.75 41.33 -14.60
C ILE B 48 -6.22 41.34 -14.58
N LYS B 49 -5.63 42.50 -14.91
CA LYS B 49 -4.19 42.60 -15.12
C LYS B 49 -3.48 43.40 -14.02
N SER B 50 -2.19 43.13 -13.84
CA SER B 50 -1.34 43.85 -12.89
C SER B 50 -0.58 44.98 -13.60
N HIS B 51 0.38 45.58 -12.92
CA HIS B 51 1.21 46.62 -13.56
C HIS B 51 2.37 46.06 -14.40
N LYS B 52 2.66 44.77 -14.24
CA LYS B 52 3.75 44.11 -14.98
C LYS B 52 3.25 43.33 -16.22
N GLY B 53 1.99 43.54 -16.59
CA GLY B 53 1.44 42.97 -17.82
C GLY B 53 0.62 41.71 -17.66
N HIS B 54 1.05 40.82 -16.77
CA HIS B 54 0.45 39.48 -16.59
C HIS B 54 -1.02 39.49 -16.15
N GLU B 55 -1.73 38.42 -16.47
CA GLU B 55 -3.17 38.31 -16.21
C GLU B 55 -3.56 37.41 -15.02
N PHE B 56 -4.56 37.84 -14.27
CA PHE B 56 -5.10 37.10 -13.13
C PHE B 56 -6.58 36.77 -13.34
N LYS B 57 -6.92 35.48 -13.20
CA LYS B 57 -8.30 35.02 -13.42
C LYS B 57 -9.14 34.99 -12.14
N ILE B 58 -10.41 35.35 -12.30
CA ILE B 58 -11.35 35.44 -11.19
C ILE B 58 -12.20 34.17 -11.11
N LEU B 59 -12.07 33.44 -10.00
CA LEU B 59 -12.86 32.22 -9.76
C LEU B 59 -13.72 32.35 -8.52
N ARG B 60 -14.88 31.69 -8.55
CA ARG B 60 -15.75 31.60 -7.38
C ARG B 60 -15.18 30.61 -6.36
N PRO B 61 -15.06 31.06 -5.10
CA PRO B 61 -14.59 30.23 -4.00
C PRO B 61 -15.42 28.97 -3.78
N ARG B 62 -14.75 27.84 -3.95
CA ARG B 62 -15.31 26.54 -3.65
C ARG B 62 -14.73 26.06 -2.33
N ILE B 63 -15.29 24.99 -1.78
CA ILE B 63 -14.80 24.44 -0.52
C ILE B 63 -13.30 24.07 -0.58
N VAL B 64 -12.83 23.72 -1.77
CA VAL B 64 -11.42 23.36 -1.96
C VAL B 64 -10.49 24.56 -1.77
N ASP B 65 -10.98 25.74 -2.13
CA ASP B 65 -10.23 26.97 -1.99
C ASP B 65 -10.09 27.36 -0.52
N TYR B 66 -11.22 27.36 0.20
CA TYR B 66 -11.22 27.64 1.63
C TYR B 66 -10.33 26.69 2.44
N LEU B 67 -10.29 25.43 2.06
CA LEU B 67 -9.46 24.44 2.77
C LEU B 67 -7.98 24.58 2.42
N ASP B 68 -7.70 25.15 1.25
CA ASP B 68 -6.32 25.41 0.83
C ASP B 68 -5.71 26.63 1.52
N LYS B 69 -6.40 27.76 1.42
CA LYS B 69 -5.84 29.06 1.78
C LYS B 69 -6.06 29.50 3.22
N MET B 70 -6.78 28.70 4.01
CA MET B 70 -7.05 29.04 5.42
C MET B 70 -5.80 29.03 6.31
N LYS B 71 -5.83 29.83 7.37
CA LYS B 71 -4.79 29.79 8.39
C LYS B 71 -4.87 28.42 9.05
N ARG B 72 -3.89 27.56 8.76
CA ARG B 72 -3.98 26.13 9.05
C ARG B 72 -2.94 25.59 10.04
N GLY B 73 -2.35 26.48 10.85
CA GLY B 73 -1.29 26.14 11.81
C GLY B 73 -1.19 24.67 12.21
N PRO B 74 -1.86 24.29 13.32
CA PRO B 74 -1.87 22.90 13.86
C PRO B 74 -2.28 21.84 12.84
N GLN B 75 -1.64 20.68 12.92
CA GLN B 75 -1.88 19.56 12.00
C GLN B 75 -3.37 19.20 11.85
N ILE B 76 -3.83 19.25 10.60
CA ILE B 76 -5.23 19.00 10.26
C ILE B 76 -5.54 17.50 10.15
N VAL B 77 -6.84 17.17 10.10
CA VAL B 77 -7.28 15.88 9.59
C VAL B 77 -7.23 16.04 8.08
N HIS B 78 -6.68 15.05 7.38
CA HIS B 78 -6.44 15.19 5.95
C HIS B 78 -7.69 14.93 5.10
N PRO B 79 -7.84 15.70 4.00
CA PRO B 79 -8.92 15.57 3.02
C PRO B 79 -9.31 14.12 2.74
N LYS B 80 -8.32 13.27 2.47
CA LYS B 80 -8.57 11.85 2.24
C LYS B 80 -9.30 11.17 3.42
N ASP B 81 -9.00 11.59 4.64
CA ASP B 81 -9.63 10.96 5.80
C ASP B 81 -11.05 11.50 5.99
N ALA B 82 -11.21 12.80 5.81
CA ALA B 82 -12.53 13.42 5.76
C ALA B 82 -13.43 12.70 4.75
N ALA B 83 -12.87 12.39 3.58
CA ALA B 83 -13.59 11.73 2.50
C ALA B 83 -14.24 10.42 2.93
N LEU B 84 -13.47 9.56 3.58
CA LEU B 84 -13.96 8.23 3.94
C LEU B 84 -14.96 8.31 5.10
N ILE B 85 -14.73 9.26 6.00
CA ILE B 85 -15.67 9.54 7.07
C ILE B 85 -17.03 9.87 6.45
N VAL B 86 -17.04 10.80 5.50
CA VAL B 86 -18.24 11.11 4.74
C VAL B 86 -18.81 9.85 4.10
N ALA B 87 -17.98 9.13 3.35
CA ALA B 87 -18.39 7.95 2.61
C ALA B 87 -18.97 6.83 3.47
N TYR B 88 -18.21 6.41 4.49
CA TYR B 88 -18.59 5.22 5.25
C TYR B 88 -19.63 5.50 6.33
N ALA B 89 -19.70 6.74 6.78
CA ALA B 89 -20.74 7.14 7.74
C ALA B 89 -22.01 7.57 7.01
N GLY B 90 -21.89 7.85 5.72
CA GLY B 90 -23.02 8.26 4.91
C GLY B 90 -23.54 9.63 5.35
N ILE B 91 -22.62 10.57 5.47
CA ILE B 91 -22.94 11.93 5.86
C ILE B 91 -23.66 12.64 4.73
N SER B 92 -24.85 13.15 5.04
CA SER B 92 -25.75 13.66 4.02
C SER B 92 -26.23 15.07 4.34
N PRO B 93 -26.52 15.88 3.30
CA PRO B 93 -27.16 17.18 3.49
C PRO B 93 -28.26 17.15 4.56
N GLY B 94 -28.18 18.08 5.51
CA GLY B 94 -29.18 18.22 6.56
C GLY B 94 -28.86 17.48 7.84
N ASP B 95 -27.71 16.83 7.89
CA ASP B 95 -27.31 16.06 9.08
C ASP B 95 -26.92 16.93 10.25
N PHE B 96 -27.15 16.40 11.44
CA PHE B 96 -26.75 17.03 12.67
C PHE B 96 -25.50 16.33 13.23
N ILE B 97 -24.38 17.05 13.22
CA ILE B 97 -23.11 16.47 13.59
C ILE B 97 -22.50 17.12 14.84
N VAL B 98 -22.24 16.31 15.87
CA VAL B 98 -21.38 16.74 16.96
C VAL B 98 -19.97 16.26 16.65
N GLU B 99 -19.01 17.17 16.71
CA GLU B 99 -17.60 16.81 16.54
C GLU B 99 -16.69 17.45 17.60
N ALA B 100 -15.66 16.70 18.01
CA ALA B 100 -14.77 17.19 19.04
C ALA B 100 -13.32 17.15 18.61
N GLY B 101 -12.62 18.21 19.00
CA GLY B 101 -11.41 18.62 18.37
C GLY B 101 -11.81 19.49 17.20
N VAL B 102 -12.07 20.77 17.45
CA VAL B 102 -12.31 21.70 16.36
C VAL B 102 -10.98 21.98 15.66
N GLY B 103 -9.89 21.90 16.44
CA GLY B 103 -8.55 22.20 15.95
C GLY B 103 -8.55 23.56 15.29
N SER B 104 -8.22 23.56 14.00
CA SER B 104 -8.13 24.78 13.21
C SER B 104 -9.42 25.08 12.44
N GLY B 105 -10.34 24.12 12.45
CA GLY B 105 -11.60 24.25 11.73
C GLY B 105 -11.64 23.51 10.40
N ALA B 106 -10.56 22.82 10.06
CA ALA B 106 -10.44 22.16 8.76
C ALA B 106 -11.51 21.09 8.56
N LEU B 107 -11.55 20.12 9.46
CA LEU B 107 -12.53 19.06 9.40
C LEU B 107 -13.94 19.63 9.58
N THR B 108 -14.05 20.69 10.37
CA THR B 108 -15.33 21.35 10.61
C THR B 108 -15.85 22.05 9.34
N LEU B 109 -14.96 22.71 8.61
CA LEU B 109 -15.33 23.29 7.32
C LEU B 109 -15.88 22.22 6.38
N PHE B 110 -15.05 21.22 6.09
CA PHE B 110 -15.40 20.14 5.18
C PHE B 110 -16.75 19.48 5.51
N LEU B 111 -16.99 19.24 6.80
CA LEU B 111 -18.26 18.62 7.21
C LEU B 111 -19.43 19.58 7.06
N ALA B 112 -19.19 20.84 7.39
CA ALA B 112 -20.21 21.88 7.34
C ALA B 112 -20.68 22.08 5.90
N ASN B 113 -19.73 21.99 4.97
CA ASN B 113 -20.05 22.01 3.55
C ASN B 113 -20.98 20.86 3.13
N ILE B 114 -20.77 19.67 3.70
CA ILE B 114 -21.55 18.51 3.30
C ILE B 114 -22.96 18.52 3.88
N VAL B 115 -23.11 18.91 5.13
CA VAL B 115 -24.42 18.92 5.77
C VAL B 115 -25.29 20.08 5.26
N GLY B 116 -24.66 21.03 4.59
CA GLY B 116 -25.37 22.13 3.95
C GLY B 116 -25.98 23.14 4.91
N PRO B 117 -26.60 24.20 4.35
CA PRO B 117 -27.26 25.26 5.12
C PRO B 117 -28.20 24.76 6.21
N GLU B 118 -28.86 23.61 5.98
CA GLU B 118 -29.85 23.10 6.93
C GLU B 118 -29.32 22.01 7.88
N GLY B 119 -28.04 21.65 7.72
CA GLY B 119 -27.36 20.82 8.68
C GLY B 119 -26.78 21.65 9.82
N ARG B 120 -26.43 21.01 10.92
CA ARG B 120 -25.80 21.69 12.04
C ARG B 120 -24.53 20.97 12.49
N VAL B 121 -23.46 21.73 12.71
CA VAL B 121 -22.25 21.20 13.30
C VAL B 121 -21.94 21.89 14.62
N VAL B 122 -22.00 21.13 15.71
CA VAL B 122 -21.57 21.60 17.02
C VAL B 122 -20.16 21.08 17.28
N SER B 123 -19.20 21.98 17.29
CA SER B 123 -17.80 21.64 17.57
C SER B 123 -17.38 21.97 19.00
N TYR B 124 -16.92 20.94 19.71
CA TYR B 124 -16.32 21.10 21.05
C TYR B 124 -14.83 21.37 20.97
N GLU B 125 -14.33 22.17 21.90
CA GLU B 125 -12.89 22.48 22.03
C GLU B 125 -12.54 22.88 23.48
N ILE B 126 -11.33 22.54 23.92
CA ILE B 126 -10.84 22.89 25.26
C ILE B 126 -9.73 23.95 25.23
N ARG B 127 -9.29 24.32 24.04
CA ARG B 127 -8.18 25.25 23.87
C ARG B 127 -8.67 26.54 23.24
N GLU B 128 -8.61 27.63 24.02
CA GLU B 128 -9.08 28.95 23.60
C GLU B 128 -8.55 29.42 22.26
N ASP B 129 -7.23 29.51 22.13
CA ASP B 129 -6.60 30.08 20.93
C ASP B 129 -6.96 29.31 19.66
N PHE B 130 -7.21 28.02 19.83
CA PHE B 130 -7.68 27.15 18.76
C PHE B 130 -9.14 27.48 18.41
N ALA B 131 -9.97 27.65 19.44
CA ALA B 131 -11.39 28.01 19.27
C ALA B 131 -11.56 29.35 18.57
N LYS B 132 -10.75 30.33 18.94
CA LYS B 132 -10.77 31.67 18.33
C LYS B 132 -10.36 31.64 16.87
N LEU B 133 -9.32 30.86 16.57
CA LEU B 133 -8.81 30.69 15.22
C LEU B 133 -9.79 29.90 14.35
N ALA B 134 -10.43 28.90 14.96
CA ALA B 134 -11.42 28.08 14.27
C ALA B 134 -12.68 28.87 13.89
N TRP B 135 -13.21 29.63 14.85
CA TRP B 135 -14.39 30.48 14.59
C TRP B 135 -14.12 31.57 13.59
N GLU B 136 -12.88 32.04 13.55
CA GLU B 136 -12.49 33.09 12.63
C GLU B 136 -12.36 32.53 11.21
N ASN B 137 -12.00 31.26 11.10
CA ASN B 137 -11.90 30.59 9.81
C ASN B 137 -13.26 30.26 9.20
N ILE B 138 -14.19 29.77 10.03
CA ILE B 138 -15.50 29.36 9.53
C ILE B 138 -16.37 30.55 9.10
N LYS B 139 -16.20 31.69 9.78
CA LYS B 139 -16.88 32.94 9.43
C LYS B 139 -16.36 33.45 8.10
N TRP B 140 -15.05 33.33 7.91
CA TRP B 140 -14.38 33.72 6.69
C TRP B 140 -14.84 32.87 5.52
N ALA B 141 -15.15 31.60 5.78
CA ALA B 141 -15.62 30.69 4.75
C ALA B 141 -17.15 30.71 4.61
N GLY B 142 -17.82 31.40 5.53
CA GLY B 142 -19.25 31.65 5.45
C GLY B 142 -20.15 30.65 6.16
N PHE B 143 -19.58 29.81 7.02
CA PHE B 143 -20.38 28.77 7.68
C PHE B 143 -20.87 29.16 9.06
N ASP B 144 -20.77 30.45 9.38
CA ASP B 144 -21.33 31.05 10.60
C ASP B 144 -22.78 30.59 10.86
N ASP B 145 -23.56 30.44 9.79
CA ASP B 145 -24.95 29.96 9.86
C ASP B 145 -25.15 28.54 10.43
N ARG B 146 -24.19 27.65 10.20
CA ARG B 146 -24.40 26.23 10.49
C ARG B 146 -23.47 25.61 11.54
N VAL B 147 -22.49 26.39 12.00
CA VAL B 147 -21.51 25.93 12.98
C VAL B 147 -21.61 26.70 14.31
N THR B 148 -21.54 25.96 15.42
CA THR B 148 -21.36 26.54 16.75
C THR B 148 -20.15 25.88 17.44
N ILE B 149 -19.25 26.70 17.98
CA ILE B 149 -18.17 26.18 18.80
C ILE B 149 -18.47 26.33 20.30
N LYS B 150 -18.27 25.25 21.04
CA LYS B 150 -18.42 25.25 22.48
C LYS B 150 -17.07 25.09 23.17
N LEU B 151 -16.64 26.11 23.90
CA LEU B 151 -15.47 26.01 24.78
C LEU B 151 -15.84 25.17 25.99
N LYS B 152 -15.82 23.84 25.81
CA LYS B 152 -16.27 22.91 26.82
C LYS B 152 -15.66 21.54 26.52
N ASP B 153 -15.35 20.81 27.57
CA ASP B 153 -14.74 19.49 27.45
C ASP B 153 -15.81 18.45 27.14
N ILE B 154 -15.66 17.76 26.02
CA ILE B 154 -16.64 16.75 25.59
C ILE B 154 -16.63 15.48 26.46
N TYR B 155 -15.54 15.26 27.21
CA TYR B 155 -15.45 14.11 28.12
C TYR B 155 -16.45 14.21 29.27
N GLU B 156 -16.72 15.44 29.71
CA GLU B 156 -17.72 15.70 30.75
C GLU B 156 -19.16 15.39 30.27
N GLY B 157 -19.45 15.66 28.99
CA GLY B 157 -20.72 15.23 28.41
C GLY B 157 -21.15 15.90 27.11
N ILE B 158 -22.19 15.34 26.50
CA ILE B 158 -22.77 15.87 25.26
C ILE B 158 -24.17 16.44 25.53
N GLU B 159 -24.30 17.76 25.34
CA GLU B 159 -25.53 18.50 25.61
C GLU B 159 -26.64 18.14 24.60
N GLU B 160 -26.26 18.14 23.33
CA GLU B 160 -27.17 17.86 22.21
C GLU B 160 -27.73 16.44 22.26
N GLU B 161 -28.85 16.22 21.60
CA GLU B 161 -29.47 14.90 21.55
C GLU B 161 -30.08 14.62 20.18
N ASN B 162 -30.36 13.34 19.89
CA ASN B 162 -30.83 12.90 18.59
C ASN B 162 -29.93 13.37 17.45
N VAL B 163 -28.62 13.15 17.60
CA VAL B 163 -27.62 13.57 16.61
C VAL B 163 -27.34 12.49 15.57
N ASP B 164 -26.97 12.93 14.37
CA ASP B 164 -26.67 12.02 13.27
C ASP B 164 -25.33 11.34 13.40
N HIS B 165 -24.28 12.12 13.65
CA HIS B 165 -22.93 11.59 13.75
C HIS B 165 -22.09 12.28 14.84
N VAL B 166 -21.38 11.49 15.62
CA VAL B 166 -20.36 12.00 16.53
C VAL B 166 -18.98 11.73 15.94
N ILE B 167 -18.31 12.79 15.54
CA ILE B 167 -17.06 12.70 14.81
C ILE B 167 -15.91 13.23 15.67
N LEU B 168 -14.89 12.40 15.91
CA LEU B 168 -13.83 12.74 16.88
C LEU B 168 -12.41 12.69 16.31
N ASP B 169 -11.63 13.70 16.62
CA ASP B 169 -10.19 13.68 16.32
C ASP B 169 -9.31 13.95 17.55
N LEU B 170 -9.81 13.58 18.72
CA LEU B 170 -9.12 13.79 20.00
C LEU B 170 -8.41 12.55 20.56
N PRO B 171 -7.55 12.72 21.59
CA PRO B 171 -6.66 11.64 22.04
C PRO B 171 -7.35 10.42 22.67
N GLN B 172 -8.50 10.61 23.30
CA GLN B 172 -9.16 9.53 24.03
C GLN B 172 -10.64 9.33 23.70
N PRO B 173 -10.97 9.00 22.44
CA PRO B 173 -12.37 8.86 22.03
C PRO B 173 -13.18 7.84 22.85
N GLU B 174 -12.50 6.86 23.44
CA GLU B 174 -13.17 5.86 24.28
C GLU B 174 -13.94 6.48 25.48
N ARG B 175 -13.58 7.71 25.85
CA ARG B 175 -14.25 8.43 26.92
C ARG B 175 -15.56 9.07 26.44
N VAL B 176 -15.70 9.23 25.13
CA VAL B 176 -16.88 9.86 24.54
C VAL B 176 -17.91 8.81 24.14
N VAL B 177 -17.52 7.54 24.23
CA VAL B 177 -18.38 6.45 23.77
C VAL B 177 -19.78 6.45 24.40
N GLU B 178 -19.84 6.45 25.74
CA GLU B 178 -21.12 6.37 26.45
C GLU B 178 -22.01 7.57 26.18
N HIS B 179 -21.39 8.75 26.07
CA HIS B 179 -22.13 9.98 25.76
C HIS B 179 -22.75 9.91 24.36
N ALA B 180 -21.98 9.39 23.41
CA ALA B 180 -22.41 9.25 22.03
C ALA B 180 -23.60 8.32 21.95
N ALA B 181 -23.56 7.25 22.73
CA ALA B 181 -24.63 6.27 22.80
C ALA B 181 -25.96 6.91 23.22
N LYS B 182 -25.87 7.97 24.01
CA LYS B 182 -27.05 8.70 24.45
C LYS B 182 -27.46 9.71 23.38
N ALA B 183 -26.48 10.42 22.82
CA ALA B 183 -26.76 11.47 21.86
C ALA B 183 -27.27 10.98 20.48
N LEU B 184 -26.75 9.86 19.99
CA LEU B 184 -27.02 9.43 18.61
C LEU B 184 -28.42 8.86 18.36
N LYS B 185 -29.02 9.25 17.24
CA LYS B 185 -30.24 8.61 16.71
C LYS B 185 -30.01 7.12 16.47
N PRO B 186 -31.08 6.30 16.54
CA PRO B 186 -30.97 4.94 16.01
C PRO B 186 -30.42 4.96 14.57
N GLY B 187 -29.37 4.18 14.35
CA GLY B 187 -28.70 4.12 13.04
C GLY B 187 -27.63 5.18 12.83
N GLY B 188 -27.37 5.98 13.87
CA GLY B 188 -26.33 7.01 13.81
C GLY B 188 -24.94 6.43 13.90
N PHE B 189 -23.93 7.25 13.61
CA PHE B 189 -22.57 6.76 13.57
C PHE B 189 -21.68 7.45 14.59
N PHE B 190 -20.95 6.62 15.32
CA PHE B 190 -19.82 7.07 16.11
C PHE B 190 -18.59 6.93 15.22
N VAL B 191 -17.86 8.04 15.03
CA VAL B 191 -16.68 8.06 14.17
C VAL B 191 -15.47 8.64 14.90
N ALA B 192 -14.39 7.87 15.00
CA ALA B 192 -13.17 8.39 15.64
C ALA B 192 -11.89 8.22 14.83
N TYR B 193 -11.11 9.29 14.78
CA TYR B 193 -9.83 9.32 14.07
C TYR B 193 -8.66 9.28 15.07
N THR B 194 -7.83 8.23 14.99
CA THR B 194 -6.70 8.10 15.91
C THR B 194 -5.39 7.78 15.18
N PRO B 195 -4.33 8.54 15.44
CA PRO B 195 -3.07 8.20 14.76
C PRO B 195 -2.40 6.88 15.22
N CYS B 196 -2.69 6.39 16.43
CA CYS B 196 -2.00 5.21 16.96
C CYS B 196 -2.83 3.93 16.98
N SER B 197 -2.12 2.81 16.87
CA SER B 197 -2.66 1.48 17.13
C SER B 197 -3.19 1.36 18.56
N ASN B 198 -2.49 1.96 19.52
CA ASN B 198 -2.89 1.92 20.93
C ASN B 198 -4.30 2.44 21.08
N GLN B 199 -4.49 3.68 20.64
CA GLN B 199 -5.76 4.39 20.67
C GLN B 199 -6.89 3.57 20.08
N VAL B 200 -6.61 2.91 18.96
CA VAL B 200 -7.61 2.04 18.32
C VAL B 200 -7.95 0.87 19.23
N MET B 201 -6.92 0.27 19.83
CA MET B 201 -7.10 -0.86 20.75
C MET B 201 -7.95 -0.49 21.97
N ARG B 202 -7.68 0.68 22.56
CA ARG B 202 -8.48 1.15 23.69
C ARG B 202 -9.93 1.33 23.26
N LEU B 203 -10.11 2.04 22.14
CA LEU B 203 -11.42 2.36 21.62
C LEU B 203 -12.25 1.12 21.31
N HIS B 204 -11.63 0.14 20.66
CA HIS B 204 -12.32 -1.09 20.33
C HIS B 204 -12.79 -1.81 21.59
N GLU B 205 -11.93 -1.79 22.61
CA GLU B 205 -12.24 -2.36 23.93
C GLU B 205 -13.51 -1.74 24.55
N LYS B 206 -13.61 -0.41 24.52
CA LYS B 206 -14.78 0.32 25.01
C LYS B 206 -16.03 0.04 24.18
N LEU B 207 -15.89 0.13 22.86
CA LEU B 207 -16.98 -0.18 21.93
C LEU B 207 -17.56 -1.59 22.10
N ARG B 208 -16.73 -2.56 22.49
CA ARG B 208 -17.23 -3.92 22.76
C ARG B 208 -17.87 -4.07 24.13
N GLU B 209 -17.48 -3.23 25.09
CA GLU B 209 -18.19 -3.15 26.36
C GLU B 209 -19.59 -2.60 26.09
N PHE B 210 -19.69 -1.77 25.06
CA PHE B 210 -20.95 -1.19 24.65
C PHE B 210 -21.56 -1.88 23.41
N LYS B 211 -21.36 -3.19 23.32
CA LYS B 211 -21.95 -4.02 22.26
C LYS B 211 -23.48 -3.93 22.18
N ASP B 212 -24.12 -3.56 23.28
CA ASP B 212 -25.59 -3.40 23.34
C ASP B 212 -26.09 -2.04 22.84
N TYR B 213 -25.14 -1.14 22.56
CA TYR B 213 -25.46 0.20 22.09
C TYR B 213 -24.90 0.46 20.67
N PHE B 214 -24.13 -0.50 20.15
CA PHE B 214 -23.38 -0.33 18.91
C PHE B 214 -23.19 -1.65 18.16
N MET B 215 -23.28 -1.57 16.84
CA MET B 215 -22.93 -2.68 15.97
C MET B 215 -21.41 -2.87 15.98
N LYS B 216 -20.94 -4.05 15.58
CA LYS B 216 -19.51 -4.33 15.53
C LYS B 216 -18.78 -3.24 14.76
N PRO B 217 -17.74 -2.66 15.39
CA PRO B 217 -16.97 -1.56 14.80
C PRO B 217 -16.17 -1.99 13.57
N ARG B 218 -15.73 -1.00 12.81
CA ARG B 218 -14.95 -1.20 11.61
C ARG B 218 -13.85 -0.13 11.63
N THR B 219 -12.59 -0.59 11.55
CA THR B 219 -11.45 0.32 11.54
C THR B 219 -10.75 0.27 10.20
N ILE B 220 -10.44 1.45 9.65
CA ILE B 220 -9.81 1.54 8.34
C ILE B 220 -8.67 2.54 8.35
N ASN B 221 -7.91 2.49 7.27
CA ASN B 221 -6.69 3.23 7.09
C ASN B 221 -6.63 3.52 5.58
N VAL B 222 -6.60 4.79 5.21
CA VAL B 222 -6.59 5.15 3.79
C VAL B 222 -5.25 5.71 3.28
N LEU B 223 -4.80 5.19 2.14
CA LEU B 223 -3.61 5.68 1.43
C LEU B 223 -3.94 6.18 0.03
N VAL B 224 -3.36 7.31 -0.34
CA VAL B 224 -3.55 7.89 -1.65
C VAL B 224 -2.22 8.00 -2.39
N PHE B 225 -2.10 7.26 -3.49
CA PHE B 225 -0.90 7.33 -4.30
C PHE B 225 -1.09 8.28 -5.48
N ASP B 226 -0.33 9.36 -5.48
CA ASP B 226 -0.21 10.23 -6.63
C ASP B 226 0.53 9.54 -7.77
N GLN B 227 -0.01 9.67 -8.97
CA GLN B 227 0.61 9.09 -10.16
C GLN B 227 1.35 10.15 -10.91
N GLU B 228 2.51 9.80 -11.44
CA GLU B 228 3.29 10.71 -12.23
C GLU B 228 3.14 10.31 -13.69
N VAL B 229 2.48 11.14 -14.46
CA VAL B 229 2.21 10.81 -15.84
C VAL B 229 2.91 11.81 -16.75
N LYS B 230 4.04 11.41 -17.31
CA LYS B 230 4.73 12.21 -18.33
C LYS B 230 4.48 11.52 -19.67
N LYS B 231 4.78 12.21 -20.76
CA LYS B 231 4.53 11.67 -22.09
C LYS B 231 5.08 10.25 -22.24
N GLU B 232 6.36 10.06 -21.92
CA GLU B 232 7.03 8.79 -22.17
C GLU B 232 7.22 7.90 -20.93
N CYS B 233 6.65 8.29 -19.79
CA CYS B 233 6.75 7.46 -18.57
C CYS B 233 5.63 7.70 -17.54
N MET B 234 4.90 6.63 -17.25
CA MET B 234 3.97 6.62 -16.13
C MET B 234 4.44 5.69 -15.00
N ARG B 235 4.49 6.24 -13.80
CA ARG B 235 4.86 5.51 -12.59
C ARG B 235 4.25 6.22 -11.40
N PRO B 236 4.10 5.52 -10.27
CA PRO B 236 3.70 6.22 -9.06
C PRO B 236 4.76 7.22 -8.62
N ARG B 237 4.34 8.28 -7.96
CA ARG B 237 5.26 9.23 -7.35
C ARG B 237 6.15 8.48 -6.36
N THR B 238 7.47 8.69 -6.48
CA THR B 238 8.49 7.99 -5.69
C THR B 238 8.14 7.90 -4.20
N THR B 239 7.81 9.06 -3.64
CA THR B 239 7.46 9.24 -2.25
C THR B 239 5.95 9.48 -2.13
N ALA B 240 5.36 9.08 -1.00
CA ALA B 240 3.94 9.35 -0.74
C ALA B 240 3.59 9.43 0.74
N LEU B 241 2.52 10.16 1.03
CA LEU B 241 1.96 10.24 2.39
C LEU B 241 1.28 8.91 2.70
N VAL B 242 1.81 8.21 3.70
CA VAL B 242 1.50 6.81 3.92
C VAL B 242 0.60 6.57 5.12
N HIS B 243 0.73 7.39 6.15
CA HIS B 243 -0.11 7.24 7.32
C HIS B 243 -0.39 8.58 7.97
N THR B 244 -1.66 8.82 8.26
CA THR B 244 -2.07 9.99 9.02
C THR B 244 -2.76 9.50 10.29
N GLY B 245 -3.82 8.71 10.11
CA GLY B 245 -4.48 8.08 11.23
C GLY B 245 -5.38 6.93 10.83
N TYR B 246 -5.76 6.12 11.81
CA TYR B 246 -6.82 5.15 11.64
C TYR B 246 -8.16 5.84 11.88
N ILE B 247 -9.20 5.27 11.28
CA ILE B 247 -10.56 5.77 11.45
C ILE B 247 -11.46 4.61 11.83
N THR B 248 -12.15 4.78 12.95
CA THR B 248 -13.06 3.77 13.47
C THR B 248 -14.52 4.24 13.37
N PHE B 249 -15.39 3.36 12.88
CA PHE B 249 -16.83 3.62 12.70
C PHE B 249 -17.64 2.61 13.50
N ALA B 250 -18.73 3.05 14.13
CA ALA B 250 -19.70 2.13 14.75
C ALA B 250 -21.13 2.69 14.67
N ARG B 251 -22.06 1.86 14.19
CA ARG B 251 -23.49 2.20 14.16
C ARG B 251 -24.18 2.03 15.51
N ARG B 252 -24.86 3.09 15.93
CA ARG B 252 -25.63 3.08 17.18
C ARG B 252 -26.84 2.14 17.12
N ILE B 253 -26.78 1.09 17.94
CA ILE B 253 -27.84 0.09 18.17
C ILE B 253 -28.41 -0.54 16.90
N MET C 1 -45.47 7.64 12.44
CA MET C 1 -44.99 6.24 12.52
C MET C 1 -44.70 5.68 11.12
N ILE C 2 -44.22 4.44 11.08
CA ILE C 2 -43.91 3.76 9.82
C ILE C 2 -45.21 3.28 9.19
N ARG C 3 -45.38 3.57 7.90
CA ARG C 3 -46.56 3.09 7.18
C ARG C 3 -46.22 2.26 5.94
N GLU C 4 -47.22 1.56 5.43
CA GLU C 4 -47.14 0.78 4.19
C GLU C 4 -46.44 1.59 3.10
N GLY C 5 -45.47 0.97 2.43
CA GLY C 5 -44.75 1.61 1.36
C GLY C 5 -43.43 2.25 1.77
N ASP C 6 -43.28 2.55 3.06
CA ASP C 6 -42.01 3.02 3.61
C ASP C 6 -40.91 1.97 3.42
N LYS C 7 -39.70 2.46 3.19
CA LYS C 7 -38.54 1.58 3.16
C LYS C 7 -37.79 1.63 4.49
N VAL C 8 -37.37 0.47 4.96
CA VAL C 8 -36.83 0.30 6.29
C VAL C 8 -35.65 -0.67 6.29
N VAL C 9 -34.71 -0.46 7.22
CA VAL C 9 -33.59 -1.38 7.39
C VAL C 9 -33.78 -2.29 8.60
N LEU C 10 -33.89 -3.59 8.34
CA LEU C 10 -33.95 -4.56 9.41
C LEU C 10 -32.54 -5.06 9.70
N VAL C 11 -32.11 -4.91 10.95
CA VAL C 11 -30.81 -5.40 11.41
C VAL C 11 -31.04 -6.62 12.31
N ASP C 12 -30.43 -7.76 11.97
CA ASP C 12 -30.56 -8.97 12.79
C ASP C 12 -29.50 -9.03 13.89
N PRO C 13 -29.64 -9.97 14.85
CA PRO C 13 -28.68 -10.10 15.97
C PRO C 13 -27.21 -10.17 15.55
N ARG C 14 -26.92 -10.80 14.42
CA ARG C 14 -25.55 -10.88 13.89
C ARG C 14 -25.10 -9.60 13.21
N GLY C 15 -25.94 -8.57 13.25
CA GLY C 15 -25.63 -7.29 12.61
C GLY C 15 -25.92 -7.18 11.12
N LYS C 16 -26.43 -8.27 10.54
CA LYS C 16 -26.77 -8.28 9.11
C LYS C 16 -27.95 -7.34 8.80
N ARG C 17 -27.89 -6.68 7.66
CA ARG C 17 -28.93 -5.72 7.26
C ARG C 17 -29.83 -6.28 6.14
N TYR C 18 -31.09 -5.85 6.14
CA TYR C 18 -31.99 -6.11 5.02
C TYR C 18 -32.77 -4.86 4.72
N LEU C 19 -32.52 -4.26 3.56
CA LEU C 19 -33.31 -3.12 3.14
C LEU C 19 -34.59 -3.67 2.53
N ILE C 20 -35.72 -3.28 3.11
CA ILE C 20 -37.01 -3.92 2.86
C ILE C 20 -38.06 -2.87 2.59
N THR C 21 -39.09 -3.24 1.84
CA THR C 21 -40.27 -2.41 1.70
C THR C 21 -41.37 -2.96 2.59
N VAL C 22 -41.90 -2.09 3.43
CA VAL C 22 -42.93 -2.43 4.40
C VAL C 22 -44.25 -2.66 3.68
N SER C 23 -44.82 -3.84 3.88
CA SER C 23 -46.03 -4.25 3.17
C SER C 23 -46.63 -5.50 3.79
N LYS C 24 -47.89 -5.80 3.45
CA LYS C 24 -48.53 -7.02 3.93
C LYS C 24 -48.06 -8.24 3.10
N ARG C 25 -46.88 -8.74 3.46
CA ARG C 25 -46.27 -9.92 2.87
C ARG C 25 -45.19 -10.37 3.85
N ASP C 26 -44.98 -11.67 4.00
CA ASP C 26 -43.99 -12.09 4.96
C ASP C 26 -42.64 -12.50 4.36
N PHE C 27 -41.58 -11.94 4.95
CA PHE C 27 -40.23 -11.99 4.42
C PHE C 27 -39.46 -13.19 4.99
N HIS C 28 -38.76 -13.91 4.13
CA HIS C 28 -38.05 -15.13 4.52
C HIS C 28 -36.57 -14.87 4.82
N THR C 29 -36.13 -15.43 5.94
CA THR C 29 -34.81 -15.15 6.49
C THR C 29 -34.16 -16.43 7.04
N ASP C 30 -32.83 -16.42 7.08
CA ASP C 30 -32.05 -17.36 7.85
C ASP C 30 -32.75 -17.66 9.20
N LEU C 31 -33.11 -16.59 9.92
CA LEU C 31 -33.56 -16.67 11.31
C LEU C 31 -35.08 -16.74 11.46
N GLY C 32 -35.77 -17.06 10.37
CA GLY C 32 -37.23 -17.22 10.42
C GLY C 32 -38.01 -16.20 9.60
N ILE C 33 -39.32 -16.45 9.49
CA ILE C 33 -40.23 -15.62 8.70
C ILE C 33 -40.67 -14.40 9.49
N LEU C 34 -40.59 -13.23 8.84
CA LEU C 34 -41.05 -11.98 9.42
C LEU C 34 -42.37 -11.49 8.81
N LYS C 35 -43.34 -11.18 9.66
CA LYS C 35 -44.56 -10.52 9.22
C LYS C 35 -44.32 -9.01 9.10
N LEU C 36 -43.96 -8.59 7.88
CA LEU C 36 -43.56 -7.21 7.61
C LEU C 36 -44.66 -6.19 7.91
N GLU C 37 -45.91 -6.66 7.95
CA GLU C 37 -47.04 -5.78 8.22
C GLU C 37 -47.00 -5.31 9.67
N GLU C 38 -46.45 -6.16 10.54
CA GLU C 38 -46.24 -5.82 11.94
C GLU C 38 -45.34 -4.58 12.08
N ILE C 39 -44.56 -4.29 11.04
CA ILE C 39 -43.88 -3.00 10.95
C ILE C 39 -44.87 -2.02 10.32
N ILE C 40 -45.89 -1.63 11.09
CA ILE C 40 -46.75 -0.52 10.71
C ILE C 40 -47.22 -0.05 12.06
N GLY C 41 -47.02 1.24 12.34
CA GLY C 41 -47.26 1.76 13.68
C GLY C 41 -45.98 1.81 14.50
N ARG C 42 -45.07 0.87 14.25
CA ARG C 42 -43.77 0.89 14.90
C ARG C 42 -42.93 2.09 14.44
N ASN C 43 -41.87 2.37 15.19
CA ASN C 43 -41.05 3.55 14.95
C ASN C 43 -39.58 3.14 14.81
N PHE C 44 -38.74 4.05 14.34
CA PHE C 44 -37.34 3.75 14.18
C PHE C 44 -36.70 3.65 15.55
N GLY C 45 -36.00 2.54 15.77
CA GLY C 45 -35.38 2.27 17.05
C GLY C 45 -36.05 1.11 17.74
N GLU C 46 -37.19 0.69 17.18
CA GLU C 46 -37.95 -0.43 17.70
C GLU C 46 -37.60 -1.73 17.00
N ALA C 47 -38.25 -2.82 17.40
CA ALA C 47 -37.92 -4.14 16.89
C ALA C 47 -39.13 -4.99 16.59
N ILE C 48 -38.92 -6.01 15.77
CA ILE C 48 -39.94 -6.99 15.46
C ILE C 48 -39.30 -8.36 15.54
N LYS C 49 -40.10 -9.39 15.80
CA LYS C 49 -39.56 -10.73 15.99
C LYS C 49 -40.07 -11.72 14.96
N SER C 50 -39.15 -12.54 14.43
CA SER C 50 -39.51 -13.66 13.55
C SER C 50 -40.29 -14.70 14.33
N HIS C 51 -40.87 -15.68 13.63
CA HIS C 51 -41.64 -16.73 14.30
C HIS C 51 -40.74 -17.69 15.10
N LYS C 52 -39.45 -17.68 14.78
CA LYS C 52 -38.43 -18.42 15.54
C LYS C 52 -37.96 -17.65 16.78
N GLY C 53 -38.55 -16.48 17.03
CA GLY C 53 -38.25 -15.70 18.23
C GLY C 53 -37.19 -14.61 18.14
N HIS C 54 -36.39 -14.60 17.08
CA HIS C 54 -35.26 -13.66 16.94
C HIS C 54 -35.72 -12.21 16.64
N GLU C 55 -35.03 -11.24 17.23
CA GLU C 55 -35.41 -9.82 17.13
C GLU C 55 -34.67 -9.06 16.03
N PHE C 56 -35.44 -8.31 15.24
CA PHE C 56 -34.88 -7.50 14.16
C PHE C 56 -35.15 -6.04 14.47
N LYS C 57 -34.10 -5.24 14.56
CA LYS C 57 -34.25 -3.82 14.87
C LYS C 57 -34.55 -3.03 13.61
N ILE C 58 -35.26 -1.92 13.78
CA ILE C 58 -35.75 -1.11 12.67
C ILE C 58 -35.02 0.21 12.61
N LEU C 59 -34.26 0.43 11.54
CA LEU C 59 -33.52 1.66 11.33
C LEU C 59 -33.97 2.40 10.06
N ARG C 60 -33.80 3.72 10.07
CA ARG C 60 -34.03 4.52 8.88
C ARG C 60 -32.92 4.28 7.86
N PRO C 61 -33.27 3.87 6.64
CA PRO C 61 -32.29 3.63 5.58
C PRO C 61 -31.52 4.89 5.21
N ARG C 62 -30.20 4.82 5.33
CA ARG C 62 -29.32 5.91 4.95
C ARG C 62 -28.64 5.58 3.62
N ILE C 63 -27.89 6.55 3.08
CA ILE C 63 -27.26 6.36 1.78
C ILE C 63 -26.38 5.10 1.73
N VAL C 64 -25.71 4.79 2.83
CA VAL C 64 -24.83 3.60 2.85
C VAL C 64 -25.60 2.29 2.71
N ASP C 65 -26.83 2.28 3.20
CA ASP C 65 -27.65 1.08 3.15
C ASP C 65 -28.11 0.82 1.73
N TYR C 66 -28.46 1.89 1.02
CA TYR C 66 -28.88 1.81 -0.37
C TYR C 66 -27.72 1.39 -1.25
N LEU C 67 -26.59 2.05 -1.07
CA LEU C 67 -25.35 1.71 -1.78
C LEU C 67 -24.87 0.29 -1.49
N ASP C 68 -24.93 -0.13 -0.24
CA ASP C 68 -24.45 -1.46 0.13
C ASP C 68 -25.32 -2.60 -0.39
N LYS C 69 -26.60 -2.33 -0.66
CA LYS C 69 -27.56 -3.42 -0.91
C LYS C 69 -28.29 -3.40 -2.25
N MET C 70 -27.81 -2.62 -3.22
CA MET C 70 -28.52 -2.48 -4.49
C MET C 70 -28.16 -3.55 -5.52
N LYS C 71 -28.98 -3.64 -6.57
CA LYS C 71 -28.74 -4.56 -7.69
C LYS C 71 -27.58 -4.09 -8.57
N ARG C 72 -26.51 -4.89 -8.60
CA ARG C 72 -25.35 -4.55 -9.41
C ARG C 72 -25.22 -5.46 -10.63
N GLY C 73 -24.71 -4.88 -11.72
CA GLY C 73 -24.02 -5.64 -12.76
C GLY C 73 -22.54 -5.38 -12.54
N PRO C 74 -21.96 -5.97 -11.47
CA PRO C 74 -20.69 -5.50 -10.86
C PRO C 74 -19.44 -5.71 -11.73
N GLN C 75 -18.38 -4.91 -11.54
CA GLN C 75 -18.27 -3.95 -10.41
C GLN C 75 -18.60 -2.49 -10.78
N ILE C 76 -19.04 -1.73 -9.78
CA ILE C 76 -19.37 -0.32 -9.93
C ILE C 76 -18.12 0.55 -9.66
N VAL C 77 -18.28 1.87 -9.58
CA VAL C 77 -17.26 2.71 -8.97
C VAL C 77 -17.47 2.61 -7.47
N HIS C 78 -16.45 2.13 -6.77
CA HIS C 78 -16.53 1.86 -5.34
C HIS C 78 -16.62 3.14 -4.51
N PRO C 79 -17.28 3.07 -3.34
CA PRO C 79 -17.51 4.23 -2.47
C PRO C 79 -16.23 4.93 -2.02
N LYS C 80 -15.11 4.22 -1.98
CA LYS C 80 -13.81 4.86 -1.68
C LYS C 80 -13.39 5.84 -2.78
N ASP C 81 -13.63 5.47 -4.03
CA ASP C 81 -13.29 6.31 -5.17
C ASP C 81 -14.20 7.53 -5.27
N ALA C 82 -15.49 7.33 -5.01
CA ALA C 82 -16.48 8.38 -5.04
C ALA C 82 -16.26 9.40 -3.92
N ALA C 83 -15.83 8.94 -2.74
CA ALA C 83 -15.47 9.82 -1.62
C ALA C 83 -14.36 10.78 -2.02
N LEU C 84 -13.32 10.23 -2.63
CA LEU C 84 -12.17 11.04 -3.02
C LEU C 84 -12.53 11.98 -4.17
N ILE C 85 -13.43 11.53 -5.04
CA ILE C 85 -13.93 12.40 -6.09
C ILE C 85 -14.65 13.58 -5.45
N VAL C 86 -15.55 13.30 -4.51
CA VAL C 86 -16.26 14.35 -3.78
C VAL C 86 -15.28 15.27 -3.07
N ALA C 87 -14.35 14.70 -2.31
CA ALA C 87 -13.45 15.51 -1.47
C ALA C 87 -12.48 16.36 -2.28
N TYR C 88 -11.83 15.75 -3.27
CA TYR C 88 -10.80 16.47 -4.03
C TYR C 88 -11.41 17.51 -4.97
N ALA C 89 -12.52 17.16 -5.60
CA ALA C 89 -13.20 18.07 -6.54
C ALA C 89 -14.17 19.03 -5.84
N GLY C 90 -14.37 18.84 -4.54
CA GLY C 90 -15.18 19.77 -3.75
C GLY C 90 -16.68 19.72 -3.98
N ILE C 91 -17.18 18.59 -4.47
CA ILE C 91 -18.61 18.43 -4.75
C ILE C 91 -19.47 18.81 -3.53
N SER C 92 -20.37 19.77 -3.73
CA SER C 92 -21.10 20.38 -2.62
C SER C 92 -22.61 20.31 -2.84
N PRO C 93 -23.41 20.38 -1.74
CA PRO C 93 -24.86 20.50 -1.87
C PRO C 93 -25.23 21.57 -2.89
N GLY C 94 -26.11 21.20 -3.82
CA GLY C 94 -26.67 22.16 -4.79
C GLY C 94 -25.97 22.19 -6.13
N ASP C 95 -24.92 21.38 -6.28
CA ASP C 95 -24.15 21.32 -7.52
C ASP C 95 -24.94 20.73 -8.68
N PHE C 96 -24.57 21.17 -9.88
CA PHE C 96 -25.09 20.66 -11.13
C PHE C 96 -23.99 19.81 -11.76
N ILE C 97 -24.26 18.52 -11.88
CA ILE C 97 -23.23 17.56 -12.25
C ILE C 97 -23.62 16.81 -13.51
N VAL C 98 -22.70 16.71 -14.46
CA VAL C 98 -22.87 15.81 -15.59
C VAL C 98 -21.99 14.58 -15.37
N GLU C 99 -22.60 13.41 -15.35
CA GLU C 99 -21.85 12.16 -15.28
C GLU C 99 -22.22 11.27 -16.46
N ALA C 100 -21.26 10.47 -16.91
CA ALA C 100 -21.52 9.55 -18.01
C ALA C 100 -20.89 8.22 -17.69
N GLY C 101 -21.67 7.18 -17.97
CA GLY C 101 -21.52 5.91 -17.38
C GLY C 101 -22.48 5.83 -16.22
N VAL C 102 -23.79 5.85 -16.49
CA VAL C 102 -24.73 5.61 -15.39
C VAL C 102 -24.59 4.19 -14.86
N GLY C 103 -24.43 3.22 -15.77
CA GLY C 103 -24.28 1.82 -15.41
C GLY C 103 -25.36 1.35 -14.46
N SER C 104 -24.93 0.91 -13.28
CA SER C 104 -25.87 0.43 -12.26
C SER C 104 -26.54 1.54 -11.47
N GLY C 105 -25.95 2.73 -11.49
CA GLY C 105 -26.50 3.87 -10.78
C GLY C 105 -25.84 4.14 -9.43
N ALA C 106 -24.76 3.41 -9.14
CA ALA C 106 -24.05 3.51 -7.85
C ALA C 106 -23.39 4.86 -7.65
N LEU C 107 -22.57 5.26 -8.61
CA LEU C 107 -21.91 6.57 -8.57
C LEU C 107 -22.97 7.68 -8.50
N THR C 108 -23.98 7.54 -9.34
CA THR C 108 -25.04 8.52 -9.44
C THR C 108 -25.74 8.68 -8.09
N LEU C 109 -26.06 7.55 -7.43
CA LEU C 109 -26.64 7.58 -6.09
C LEU C 109 -25.81 8.39 -5.11
N PHE C 110 -24.50 8.12 -5.08
CA PHE C 110 -23.55 8.78 -4.18
C PHE C 110 -23.53 10.30 -4.36
N LEU C 111 -23.30 10.74 -5.59
CA LEU C 111 -23.25 12.18 -5.91
C LEU C 111 -24.62 12.86 -5.71
N ALA C 112 -25.69 12.12 -6.00
CA ALA C 112 -27.05 12.64 -5.82
C ALA C 112 -27.29 12.91 -4.35
N ASN C 113 -26.79 12.02 -3.50
CA ASN C 113 -26.91 12.23 -2.06
C ASN C 113 -26.17 13.48 -1.64
N ILE C 114 -24.99 13.69 -2.23
CA ILE C 114 -24.13 14.80 -1.90
C ILE C 114 -24.72 16.13 -2.32
N VAL C 115 -25.22 16.22 -3.56
CA VAL C 115 -25.79 17.47 -4.08
C VAL C 115 -27.10 17.87 -3.43
N GLY C 116 -27.80 16.91 -2.84
CA GLY C 116 -29.04 17.17 -2.11
C GLY C 116 -30.30 17.21 -2.97
N PRO C 117 -31.47 17.40 -2.32
CA PRO C 117 -32.74 17.42 -3.06
C PRO C 117 -32.85 18.55 -4.08
N GLU C 118 -32.08 19.63 -3.90
CA GLU C 118 -32.11 20.78 -4.79
C GLU C 118 -30.94 20.83 -5.78
N GLY C 119 -30.10 19.80 -5.76
CA GLY C 119 -29.00 19.70 -6.73
C GLY C 119 -29.44 18.93 -7.96
N ARG C 120 -28.56 18.85 -8.95
CA ARG C 120 -28.84 18.04 -10.12
C ARG C 120 -27.65 17.25 -10.63
N VAL C 121 -27.90 15.96 -10.86
CA VAL C 121 -27.02 15.07 -11.57
C VAL C 121 -27.71 14.67 -12.87
N VAL C 122 -27.10 15.00 -14.01
CA VAL C 122 -27.55 14.54 -15.31
C VAL C 122 -26.61 13.41 -15.77
N SER C 123 -27.13 12.19 -15.87
CA SER C 123 -26.34 11.02 -16.25
C SER C 123 -26.59 10.56 -17.69
N TYR C 124 -25.52 10.56 -18.49
CA TYR C 124 -25.60 10.05 -19.85
C TYR C 124 -25.37 8.53 -19.86
N GLU C 125 -26.01 7.84 -20.80
CA GLU C 125 -25.93 6.38 -20.91
C GLU C 125 -26.31 5.94 -22.33
N ILE C 126 -25.49 5.10 -22.92
CA ILE C 126 -25.72 4.63 -24.28
C ILE C 126 -26.41 3.28 -24.34
N ARG C 127 -26.73 2.71 -23.20
CA ARG C 127 -27.30 1.37 -23.16
C ARG C 127 -28.67 1.33 -22.47
N GLU C 128 -29.72 1.01 -23.23
CA GLU C 128 -31.10 1.03 -22.75
C GLU C 128 -31.33 0.17 -21.52
N ASP C 129 -30.72 -1.00 -21.45
CA ASP C 129 -30.95 -1.86 -20.29
C ASP C 129 -30.35 -1.31 -19.01
N PHE C 130 -29.13 -0.80 -19.08
CA PHE C 130 -28.50 -0.10 -17.95
C PHE C 130 -29.34 1.08 -17.48
N ALA C 131 -29.79 1.90 -18.43
CA ALA C 131 -30.63 3.05 -18.12
C ALA C 131 -31.89 2.66 -17.36
N LYS C 132 -32.53 1.56 -17.75
CA LYS C 132 -33.71 1.09 -17.05
C LYS C 132 -33.32 0.63 -15.64
N LEU C 133 -32.24 -0.15 -15.56
CA LEU C 133 -31.78 -0.68 -14.30
C LEU C 133 -31.49 0.42 -13.29
N ALA C 134 -30.66 1.38 -13.69
CA ALA C 134 -30.21 2.45 -12.81
C ALA C 134 -31.37 3.33 -12.38
N TRP C 135 -32.27 3.63 -13.32
CA TRP C 135 -33.43 4.44 -12.99
C TRP C 135 -34.29 3.77 -11.92
N GLU C 136 -34.38 2.46 -12.00
CA GLU C 136 -35.07 1.67 -10.99
C GLU C 136 -34.31 1.72 -9.67
N ASN C 137 -32.98 1.70 -9.74
CA ASN C 137 -32.16 1.87 -8.54
C ASN C 137 -32.34 3.22 -7.86
N ILE C 138 -32.41 4.30 -8.64
CA ILE C 138 -32.47 5.62 -8.05
C ILE C 138 -33.87 5.97 -7.52
N LYS C 139 -34.92 5.46 -8.19
CA LYS C 139 -36.28 5.55 -7.67
C LYS C 139 -36.32 4.88 -6.30
N TRP C 140 -35.91 3.62 -6.28
CA TRP C 140 -35.83 2.81 -5.07
C TRP C 140 -35.21 3.57 -3.90
N ALA C 141 -34.23 4.42 -4.20
CA ALA C 141 -33.48 5.15 -3.17
C ALA C 141 -34.04 6.54 -2.85
N GLY C 142 -35.08 6.95 -3.59
CA GLY C 142 -35.71 8.25 -3.38
C GLY C 142 -35.04 9.44 -4.06
N PHE C 143 -34.28 9.18 -5.13
CA PHE C 143 -33.52 10.25 -5.77
C PHE C 143 -34.06 10.68 -7.14
N ASP C 144 -35.22 10.14 -7.52
CA ASP C 144 -35.83 10.49 -8.80
C ASP C 144 -36.15 11.99 -8.88
N ASP C 145 -36.25 12.67 -7.74
CA ASP C 145 -36.41 14.12 -7.67
C ASP C 145 -35.25 14.93 -8.26
N ARG C 146 -34.05 14.36 -8.23
CA ARG C 146 -32.83 15.14 -8.49
C ARG C 146 -31.93 14.54 -9.58
N VAL C 147 -32.23 13.33 -10.04
CA VAL C 147 -31.46 12.69 -11.11
C VAL C 147 -32.22 12.62 -12.44
N THR C 148 -31.48 12.86 -13.52
CA THR C 148 -31.97 12.68 -14.86
C THR C 148 -31.08 11.70 -15.59
N ILE C 149 -31.70 10.73 -16.25
CA ILE C 149 -30.97 9.81 -17.13
C ILE C 149 -31.28 10.14 -18.60
N LYS C 150 -30.28 10.66 -19.30
CA LYS C 150 -30.35 10.91 -20.74
C LYS C 150 -29.78 9.72 -21.52
N LEU C 151 -30.64 9.09 -22.31
CA LEU C 151 -30.20 8.02 -23.20
C LEU C 151 -29.49 8.67 -24.39
N LYS C 152 -28.20 8.90 -24.24
CA LYS C 152 -27.43 9.71 -25.20
C LYS C 152 -25.94 9.41 -25.09
N ASP C 153 -25.22 9.61 -26.19
CA ASP C 153 -23.78 9.33 -26.27
C ASP C 153 -22.91 10.57 -26.01
N ILE C 154 -22.42 10.70 -24.78
CA ILE C 154 -21.66 11.88 -24.35
C ILE C 154 -20.47 12.27 -25.25
N TYR C 155 -19.93 11.33 -26.02
CA TYR C 155 -18.84 11.63 -26.96
C TYR C 155 -19.29 12.64 -28.02
N GLU C 156 -20.56 12.56 -28.41
CA GLU C 156 -21.14 13.46 -29.39
C GLU C 156 -21.42 14.84 -28.81
N GLY C 157 -21.42 14.95 -27.48
CA GLY C 157 -21.49 16.26 -26.84
C GLY C 157 -22.28 16.33 -25.56
N ILE C 158 -22.07 17.42 -24.82
CA ILE C 158 -22.82 17.72 -23.61
C ILE C 158 -23.79 18.88 -23.85
N GLU C 159 -25.08 18.59 -23.79
CA GLU C 159 -26.11 19.61 -24.01
C GLU C 159 -26.12 20.68 -22.90
N GLU C 160 -25.68 20.31 -21.70
CA GLU C 160 -25.68 21.20 -20.54
C GLU C 160 -24.55 22.23 -20.57
N GLU C 161 -24.80 23.37 -19.93
CA GLU C 161 -23.81 24.44 -19.81
C GLU C 161 -23.72 24.92 -18.37
N ASN C 162 -22.62 25.56 -18.03
CA ASN C 162 -22.36 26.05 -16.67
C ASN C 162 -22.47 24.96 -15.62
N VAL C 163 -21.92 23.79 -15.94
CA VAL C 163 -21.97 22.67 -15.02
C VAL C 163 -20.81 22.79 -14.04
N ASP C 164 -21.03 22.26 -12.84
CA ASP C 164 -20.04 22.32 -11.80
C ASP C 164 -18.97 21.27 -12.01
N HIS C 165 -19.39 20.07 -12.37
CA HIS C 165 -18.46 18.97 -12.52
C HIS C 165 -18.92 18.03 -13.62
N VAL C 166 -17.94 17.52 -14.36
CA VAL C 166 -18.15 16.46 -15.33
C VAL C 166 -17.41 15.23 -14.81
N ILE C 167 -18.19 14.24 -14.37
CA ILE C 167 -17.65 13.05 -13.70
C ILE C 167 -17.82 11.82 -14.57
N LEU C 168 -16.71 11.24 -15.00
CA LEU C 168 -16.74 10.17 -15.99
C LEU C 168 -16.21 8.84 -15.49
N ASP C 169 -16.92 7.78 -15.81
CA ASP C 169 -16.38 6.44 -15.68
C ASP C 169 -16.69 5.63 -16.93
N LEU C 170 -16.20 6.08 -18.07
CA LEU C 170 -16.38 5.37 -19.32
C LEU C 170 -15.03 5.06 -19.99
N PRO C 171 -15.01 4.22 -21.05
CA PRO C 171 -13.69 3.73 -21.53
C PRO C 171 -12.76 4.79 -22.15
N GLN C 172 -13.31 5.79 -22.83
CA GLN C 172 -12.48 6.79 -23.54
C GLN C 172 -12.78 8.23 -23.07
N PRO C 173 -12.39 8.55 -21.82
CA PRO C 173 -12.73 9.87 -21.27
C PRO C 173 -12.07 11.04 -22.00
N GLU C 174 -10.99 10.77 -22.72
CA GLU C 174 -10.32 11.78 -23.53
C GLU C 174 -11.21 12.37 -24.64
N ARG C 175 -12.16 11.56 -25.12
CA ARG C 175 -13.13 12.01 -26.12
C ARG C 175 -14.23 12.93 -25.54
N VAL C 176 -14.13 13.24 -24.25
CA VAL C 176 -15.08 14.16 -23.61
C VAL C 176 -14.40 15.47 -23.19
N VAL C 177 -13.07 15.53 -23.32
CA VAL C 177 -12.30 16.68 -22.82
C VAL C 177 -12.75 18.04 -23.40
N GLU C 178 -12.90 18.11 -24.73
CA GLU C 178 -13.32 19.36 -25.38
C GLU C 178 -14.71 19.78 -24.93
N HIS C 179 -15.65 18.84 -24.99
CA HIS C 179 -17.03 19.07 -24.56
C HIS C 179 -17.10 19.52 -23.10
N ALA C 180 -16.29 18.89 -22.24
CA ALA C 180 -16.23 19.26 -20.82
C ALA C 180 -15.64 20.66 -20.64
N ALA C 181 -14.60 20.95 -21.43
CA ALA C 181 -13.99 22.27 -21.41
C ALA C 181 -15.02 23.37 -21.66
N LYS C 182 -15.94 23.14 -22.59
CA LYS C 182 -16.94 24.15 -22.93
C LYS C 182 -18.19 24.08 -22.04
N ALA C 183 -18.45 22.93 -21.44
CA ALA C 183 -19.61 22.78 -20.55
C ALA C 183 -19.37 23.34 -19.14
N LEU C 184 -18.13 23.28 -18.66
CA LEU C 184 -17.82 23.59 -17.28
C LEU C 184 -17.80 25.08 -16.99
N LYS C 185 -18.36 25.44 -15.83
CA LYS C 185 -18.14 26.74 -15.23
C LYS C 185 -16.64 26.97 -15.07
N PRO C 186 -16.21 28.24 -15.01
CA PRO C 186 -14.86 28.48 -14.51
C PRO C 186 -14.74 27.90 -13.09
N GLY C 187 -13.65 27.16 -12.83
CA GLY C 187 -13.41 26.56 -11.52
C GLY C 187 -14.03 25.18 -11.35
N GLY C 188 -14.72 24.72 -12.39
CA GLY C 188 -15.37 23.42 -12.40
C GLY C 188 -14.42 22.28 -12.69
N PHE C 189 -14.69 21.11 -12.10
CA PHE C 189 -13.78 19.98 -12.22
C PHE C 189 -14.15 18.95 -13.30
N PHE C 190 -13.19 18.69 -14.17
CA PHE C 190 -13.21 17.50 -14.99
C PHE C 190 -12.66 16.36 -14.14
N VAL C 191 -13.42 15.27 -14.02
CA VAL C 191 -12.99 14.12 -13.25
C VAL C 191 -13.23 12.83 -14.04
N ALA C 192 -12.19 12.01 -14.17
CA ALA C 192 -12.32 10.72 -14.83
C ALA C 192 -11.84 9.56 -13.97
N TYR C 193 -12.54 8.43 -14.10
CA TYR C 193 -12.18 7.20 -13.41
C TYR C 193 -11.80 6.19 -14.47
N THR C 194 -10.57 5.69 -14.39
CA THR C 194 -10.01 4.79 -15.39
C THR C 194 -9.26 3.61 -14.75
N PRO C 195 -9.78 2.38 -14.91
CA PRO C 195 -9.13 1.16 -14.42
C PRO C 195 -7.69 0.86 -14.93
N CYS C 196 -7.35 1.24 -16.16
CA CYS C 196 -6.02 0.90 -16.74
C CYS C 196 -5.04 2.08 -16.81
N SER C 197 -3.74 1.80 -16.67
CA SER C 197 -2.65 2.75 -16.98
C SER C 197 -2.79 3.34 -18.38
N ASN C 198 -3.15 2.50 -19.34
CA ASN C 198 -3.28 2.89 -20.74
C ASN C 198 -4.24 4.06 -20.90
N GLN C 199 -5.38 3.95 -20.21
CA GLN C 199 -6.41 4.98 -20.23
C GLN C 199 -5.90 6.30 -19.63
N VAL C 200 -5.17 6.21 -18.52
CA VAL C 200 -4.56 7.39 -17.93
C VAL C 200 -3.61 8.07 -18.93
N MET C 201 -2.78 7.28 -19.62
CA MET C 201 -1.84 7.80 -20.60
C MET C 201 -2.50 8.60 -21.73
N ARG C 202 -3.60 8.10 -22.26
CA ARG C 202 -4.33 8.77 -23.32
C ARG C 202 -5.03 10.01 -22.79
N LEU C 203 -5.55 9.91 -21.58
CA LEU C 203 -6.26 11.03 -20.97
C LEU C 203 -5.29 12.15 -20.60
N HIS C 204 -4.06 11.79 -20.25
CA HIS C 204 -3.06 12.81 -20.00
C HIS C 204 -2.60 13.45 -21.30
N GLU C 205 -2.51 12.66 -22.36
CA GLU C 205 -2.20 13.16 -23.70
C GLU C 205 -3.19 14.28 -24.08
N LYS C 206 -4.49 13.99 -23.98
CA LYS C 206 -5.55 14.94 -24.36
C LYS C 206 -5.60 16.19 -23.48
N LEU C 207 -5.35 16.02 -22.19
CA LEU C 207 -5.37 17.15 -21.26
C LEU C 207 -4.15 18.07 -21.43
N ARG C 208 -3.05 17.52 -21.94
CA ARG C 208 -1.88 18.33 -22.27
C ARG C 208 -2.22 19.19 -23.47
N GLU C 209 -2.81 18.56 -24.48
CA GLU C 209 -3.31 19.25 -25.67
C GLU C 209 -4.31 20.38 -25.35
N PHE C 210 -4.98 20.30 -24.21
CA PHE C 210 -5.92 21.35 -23.77
C PHE C 210 -5.47 22.00 -22.47
N LYS C 211 -4.16 22.27 -22.37
CA LYS C 211 -3.58 22.90 -21.18
C LYS C 211 -4.10 24.31 -21.02
N ASP C 212 -4.43 24.95 -22.13
CA ASP C 212 -5.01 26.29 -22.13
C ASP C 212 -6.45 26.27 -21.62
N TYR C 213 -6.96 25.08 -21.31
CA TYR C 213 -8.33 24.94 -20.85
C TYR C 213 -8.37 24.40 -19.42
N PHE C 214 -7.30 23.72 -19.03
CA PHE C 214 -7.27 23.09 -17.71
C PHE C 214 -5.99 23.38 -16.91
N MET C 215 -6.13 23.48 -15.60
CA MET C 215 -4.97 23.49 -14.70
C MET C 215 -4.26 22.12 -14.82
N LYS C 216 -3.05 22.01 -14.26
CA LYS C 216 -2.29 20.76 -14.31
C LYS C 216 -3.13 19.61 -13.73
N PRO C 217 -3.27 18.51 -14.49
CA PRO C 217 -4.07 17.41 -13.96
C PRO C 217 -3.32 16.64 -12.85
N ARG C 218 -4.08 15.93 -12.03
CA ARG C 218 -3.55 15.17 -10.89
C ARG C 218 -4.20 13.79 -10.94
N THR C 219 -3.42 12.73 -11.02
CA THR C 219 -3.97 11.37 -11.03
C THR C 219 -3.65 10.65 -9.72
N ILE C 220 -4.70 10.25 -9.01
CA ILE C 220 -4.52 9.50 -7.79
C ILE C 220 -5.00 8.07 -7.92
N ASN C 221 -4.71 7.32 -6.87
CA ASN C 221 -4.98 5.91 -6.73
C ASN C 221 -5.21 5.75 -5.23
N VAL C 222 -6.37 5.22 -4.83
CA VAL C 222 -6.66 5.15 -3.39
C VAL C 222 -6.87 3.73 -2.84
N LEU C 223 -6.11 3.39 -1.81
CA LEU C 223 -6.24 2.10 -1.15
C LEU C 223 -6.77 2.26 0.25
N VAL C 224 -7.67 1.37 0.63
CA VAL C 224 -8.21 1.32 1.97
C VAL C 224 -7.91 -0.03 2.58
N PHE C 225 -7.20 -0.02 3.71
CA PHE C 225 -6.88 -1.24 4.43
C PHE C 225 -7.82 -1.39 5.62
N ASP C 226 -8.46 -2.55 5.72
CA ASP C 226 -9.20 -2.90 6.92
C ASP C 226 -8.26 -3.46 7.99
N GLN C 227 -8.58 -3.19 9.24
CA GLN C 227 -7.82 -3.69 10.37
C GLN C 227 -8.65 -4.73 11.12
N GLU C 228 -8.01 -5.85 11.46
CA GLU C 228 -8.60 -6.80 12.38
C GLU C 228 -8.21 -6.35 13.78
N VAL C 229 -9.18 -5.98 14.60
CA VAL C 229 -8.92 -5.62 15.98
C VAL C 229 -9.66 -6.53 16.92
N LYS C 230 -8.91 -7.27 17.72
CA LYS C 230 -9.45 -8.08 18.80
C LYS C 230 -8.66 -7.79 20.07
N LYS C 231 -9.24 -8.05 21.24
CA LYS C 231 -8.59 -7.76 22.52
C LYS C 231 -7.07 -7.98 22.48
N GLU C 232 -6.66 -9.19 22.08
CA GLU C 232 -5.23 -9.48 21.96
C GLU C 232 -4.61 -8.91 20.68
N CYS C 233 -4.98 -9.46 19.52
CA CYS C 233 -4.30 -9.14 18.27
C CYS C 233 -4.94 -7.99 17.47
N MET C 234 -4.16 -6.95 17.18
CA MET C 234 -4.53 -5.96 16.17
C MET C 234 -3.54 -5.93 15.01
N ARG C 235 -4.02 -6.31 13.82
CA ARG C 235 -3.21 -6.37 12.62
C ARG C 235 -4.04 -5.95 11.43
N PRO C 236 -3.40 -5.46 10.34
CA PRO C 236 -4.18 -5.25 9.13
C PRO C 236 -4.76 -6.56 8.63
N ARG C 237 -5.93 -6.48 8.00
CA ARG C 237 -6.58 -7.66 7.43
C ARG C 237 -5.64 -8.28 6.40
N THR C 238 -5.67 -9.60 6.29
CA THR C 238 -4.73 -10.35 5.45
C THR C 238 -4.85 -9.98 3.97
N THR C 239 -6.09 -9.96 3.45
CA THR C 239 -6.38 -9.63 2.05
C THR C 239 -7.16 -8.31 1.93
N ALA C 240 -6.80 -7.50 0.93
CA ALA C 240 -7.54 -6.28 0.65
C ALA C 240 -7.79 -6.03 -0.86
N LEU C 241 -8.85 -5.27 -1.16
CA LEU C 241 -9.08 -4.72 -2.49
C LEU C 241 -8.01 -3.64 -2.77
N VAL C 242 -7.14 -3.96 -3.72
CA VAL C 242 -5.91 -3.20 -3.96
C VAL C 242 -6.04 -2.21 -5.12
N HIS C 243 -6.93 -2.51 -6.05
CA HIS C 243 -7.11 -1.62 -7.16
C HIS C 243 -8.50 -1.67 -7.73
N THR C 244 -9.06 -0.49 -7.94
CA THR C 244 -10.32 -0.36 -8.65
C THR C 244 -10.03 0.40 -9.95
N GLY C 245 -9.69 1.68 -9.82
CA GLY C 245 -9.23 2.46 -10.95
C GLY C 245 -8.34 3.62 -10.53
N TYR C 246 -7.83 4.35 -11.53
CA TYR C 246 -7.18 5.62 -11.26
C TYR C 246 -8.21 6.73 -11.38
N ILE C 247 -7.99 7.81 -10.67
CA ILE C 247 -8.87 8.95 -10.79
C ILE C 247 -8.04 10.16 -11.15
N THR C 248 -8.37 10.78 -12.27
CA THR C 248 -7.71 11.99 -12.72
C THR C 248 -8.60 13.21 -12.46
N PHE C 249 -7.99 14.29 -11.96
CA PHE C 249 -8.70 15.53 -11.71
C PHE C 249 -8.13 16.65 -12.57
N ALA C 250 -9.01 17.48 -13.13
CA ALA C 250 -8.56 18.65 -13.88
C ALA C 250 -9.49 19.85 -13.68
N ARG C 251 -8.95 20.95 -13.14
CA ARG C 251 -9.74 22.16 -12.97
C ARG C 251 -9.78 23.02 -14.22
N ARG C 252 -10.98 23.44 -14.61
CA ARG C 252 -11.18 24.27 -15.79
C ARG C 252 -10.71 25.70 -15.50
N ILE C 253 -9.75 26.14 -16.31
CA ILE C 253 -8.93 27.35 -16.10
C ILE C 253 -9.28 28.26 -14.92
N MET D 1 21.86 -38.20 -18.16
CA MET D 1 22.37 -37.75 -16.83
C MET D 1 21.42 -38.15 -15.70
N ILE D 2 20.12 -38.02 -15.93
CA ILE D 2 19.13 -38.29 -14.89
C ILE D 2 19.06 -39.79 -14.58
N ARG D 3 19.28 -40.13 -13.31
CA ARG D 3 19.32 -41.51 -12.87
C ARG D 3 18.15 -41.81 -11.93
N GLU D 4 18.05 -43.05 -11.47
CA GLU D 4 16.98 -43.43 -10.54
C GLU D 4 17.21 -42.79 -9.17
N GLY D 5 16.13 -42.35 -8.54
CA GLY D 5 16.19 -41.74 -7.21
C GLY D 5 16.37 -40.24 -7.18
N ASP D 6 16.78 -39.66 -8.30
CA ASP D 6 16.89 -38.21 -8.47
C ASP D 6 15.52 -37.54 -8.42
N LYS D 7 15.51 -36.27 -8.04
CA LYS D 7 14.28 -35.49 -8.03
C LYS D 7 14.25 -34.59 -9.27
N VAL D 8 13.06 -34.48 -9.87
CA VAL D 8 12.89 -33.79 -11.14
C VAL D 8 11.61 -32.96 -11.12
N VAL D 9 11.59 -31.84 -11.84
CA VAL D 9 10.35 -31.08 -12.02
C VAL D 9 9.79 -31.29 -13.43
N LEU D 10 8.58 -31.82 -13.49
CA LEU D 10 7.87 -31.98 -14.76
C LEU D 10 6.88 -30.85 -14.97
N VAL D 11 6.95 -30.20 -16.14
CA VAL D 11 6.07 -29.09 -16.50
C VAL D 11 5.19 -29.52 -17.66
N ASP D 12 3.86 -29.39 -17.48
CA ASP D 12 2.90 -29.71 -18.54
C ASP D 12 2.65 -28.47 -19.43
N PRO D 13 1.94 -28.65 -20.58
CA PRO D 13 1.78 -27.51 -21.50
C PRO D 13 1.22 -26.26 -20.83
N ARG D 14 0.22 -26.42 -19.97
CA ARG D 14 -0.36 -25.33 -19.18
C ARG D 14 0.70 -24.56 -18.37
N GLY D 15 1.61 -25.30 -17.76
CA GLY D 15 2.60 -24.74 -16.85
C GLY D 15 2.48 -25.25 -15.42
N LYS D 16 1.69 -26.30 -15.23
CA LYS D 16 1.56 -26.96 -13.93
C LYS D 16 2.84 -27.71 -13.63
N ARG D 17 3.35 -27.55 -12.40
CA ARG D 17 4.61 -28.17 -12.01
C ARG D 17 4.38 -29.38 -11.14
N TYR D 18 5.09 -30.45 -11.46
CA TYR D 18 5.04 -31.68 -10.69
C TYR D 18 6.44 -32.02 -10.18
N LEU D 19 6.62 -32.04 -8.86
CA LEU D 19 7.91 -32.39 -8.25
C LEU D 19 7.92 -33.86 -7.86
N ILE D 20 8.78 -34.61 -8.54
CA ILE D 20 8.71 -36.05 -8.58
C ILE D 20 10.08 -36.70 -8.45
N THR D 21 10.14 -37.81 -7.73
CA THR D 21 11.33 -38.66 -7.73
C THR D 21 11.20 -39.67 -8.86
N VAL D 22 12.22 -39.74 -9.71
CA VAL D 22 12.23 -40.64 -10.86
C VAL D 22 12.56 -42.09 -10.44
N SER D 23 11.64 -43.00 -10.79
CA SER D 23 11.74 -44.42 -10.48
C SER D 23 10.82 -45.22 -11.39
N LYS D 24 10.89 -46.54 -11.32
CA LYS D 24 10.04 -47.41 -12.15
C LYS D 24 8.61 -47.47 -11.61
N ARG D 25 7.76 -46.58 -12.12
CA ARG D 25 6.33 -46.54 -11.78
C ARG D 25 5.55 -45.68 -12.79
N ASP D 26 4.23 -45.77 -12.76
CA ASP D 26 3.38 -44.93 -13.59
C ASP D 26 2.73 -43.81 -12.77
N PHE D 27 2.75 -42.60 -13.32
CA PHE D 27 2.22 -41.44 -12.62
C PHE D 27 0.96 -40.93 -13.32
N HIS D 28 -0.12 -40.78 -12.55
CA HIS D 28 -1.44 -40.44 -13.08
C HIS D 28 -1.69 -38.92 -13.12
N THR D 29 -1.97 -38.41 -14.31
CA THR D 29 -2.16 -36.97 -14.54
C THR D 29 -3.46 -36.65 -15.26
N ASP D 30 -3.96 -35.41 -15.09
CA ASP D 30 -5.14 -34.90 -15.80
C ASP D 30 -4.94 -34.82 -17.32
N LEU D 31 -3.72 -35.11 -17.75
CA LEU D 31 -3.38 -35.18 -19.17
C LEU D 31 -2.80 -36.55 -19.51
N GLY D 32 -3.23 -37.57 -18.77
CA GLY D 32 -2.83 -38.94 -19.03
C GLY D 32 -1.71 -39.46 -18.15
N ILE D 33 -1.30 -40.70 -18.42
CA ILE D 33 -0.35 -41.43 -17.61
C ILE D 33 1.08 -41.27 -18.16
N LEU D 34 2.03 -41.13 -17.25
CA LEU D 34 3.44 -41.07 -17.59
C LEU D 34 4.20 -42.24 -16.97
N LYS D 35 5.21 -42.72 -17.69
CA LYS D 35 6.17 -43.68 -17.16
C LYS D 35 7.47 -42.94 -16.84
N LEU D 36 7.79 -42.85 -15.56
CA LEU D 36 8.97 -42.10 -15.09
C LEU D 36 10.29 -42.70 -15.56
N GLU D 37 10.28 -43.99 -15.86
CA GLU D 37 11.46 -44.70 -16.34
C GLU D 37 12.01 -44.13 -17.64
N GLU D 38 11.14 -43.55 -18.46
CA GLU D 38 11.54 -42.94 -19.73
C GLU D 38 12.38 -41.65 -19.52
N ILE D 39 12.34 -41.12 -18.30
CA ILE D 39 13.15 -39.96 -17.90
C ILE D 39 14.61 -40.39 -17.65
N ILE D 40 14.80 -41.58 -17.10
CA ILE D 40 16.13 -42.11 -16.81
C ILE D 40 17.03 -42.04 -18.05
N GLY D 41 18.29 -41.65 -17.84
CA GLY D 41 19.25 -41.55 -18.93
C GLY D 41 19.17 -40.26 -19.75
N ARG D 42 18.11 -39.47 -19.52
CA ARG D 42 17.93 -38.22 -20.24
C ARG D 42 18.55 -37.01 -19.51
N ASN D 43 18.73 -35.93 -20.25
CA ASN D 43 19.25 -34.67 -19.70
C ASN D 43 18.16 -33.64 -19.45
N PHE D 44 18.46 -32.65 -18.61
CA PHE D 44 17.53 -31.57 -18.31
C PHE D 44 17.29 -30.68 -19.54
N GLY D 45 16.02 -30.38 -19.78
CA GLY D 45 15.62 -29.59 -20.95
C GLY D 45 14.90 -30.42 -22.00
N GLU D 46 14.84 -31.73 -21.75
CA GLU D 46 14.18 -32.68 -22.65
C GLU D 46 12.74 -32.94 -22.21
N ALA D 47 11.99 -33.66 -23.06
CA ALA D 47 10.56 -33.89 -22.83
C ALA D 47 10.19 -35.36 -22.93
N ILE D 48 9.31 -35.79 -22.03
CA ILE D 48 8.66 -37.09 -22.13
C ILE D 48 7.20 -36.85 -22.52
N LYS D 49 6.56 -37.87 -23.10
CA LYS D 49 5.14 -37.77 -23.50
C LYS D 49 4.23 -38.66 -22.65
N SER D 50 2.93 -38.39 -22.72
CA SER D 50 1.92 -39.18 -22.01
C SER D 50 1.10 -40.02 -22.99
N HIS D 51 0.32 -40.97 -22.47
CA HIS D 51 -0.52 -41.82 -23.32
C HIS D 51 -1.82 -41.11 -23.78
N LYS D 52 -1.68 -39.81 -24.06
CA LYS D 52 -2.70 -39.02 -24.75
C LYS D 52 -2.02 -38.01 -25.71
N GLY D 53 -0.69 -38.11 -25.81
CA GLY D 53 0.11 -37.27 -26.70
C GLY D 53 0.59 -35.95 -26.12
N HIS D 54 0.28 -35.71 -24.84
CA HIS D 54 0.66 -34.47 -24.16
C HIS D 54 2.08 -34.55 -23.61
N GLU D 55 2.90 -33.54 -23.93
CA GLU D 55 4.31 -33.52 -23.54
C GLU D 55 4.54 -32.97 -22.12
N PHE D 56 5.64 -33.41 -21.50
CA PHE D 56 6.04 -32.98 -20.16
C PHE D 56 7.52 -32.61 -20.12
N LYS D 57 7.80 -31.33 -19.91
CA LYS D 57 9.18 -30.83 -19.87
C LYS D 57 9.87 -31.19 -18.54
N ILE D 58 11.14 -31.54 -18.63
CA ILE D 58 11.93 -31.99 -17.49
C ILE D 58 12.90 -30.89 -17.05
N LEU D 59 12.73 -30.39 -15.83
CA LEU D 59 13.62 -29.35 -15.29
C LEU D 59 14.26 -29.74 -13.96
N ARG D 60 15.45 -29.20 -13.72
CA ARG D 60 16.15 -29.37 -12.45
C ARG D 60 15.45 -28.59 -11.33
N PRO D 61 15.12 -29.27 -10.22
CA PRO D 61 14.45 -28.65 -9.10
C PRO D 61 15.28 -27.51 -8.52
N ARG D 62 14.67 -26.34 -8.41
CA ARG D 62 15.30 -25.19 -7.78
C ARG D 62 14.56 -24.93 -6.48
N ILE D 63 15.12 -24.08 -5.61
CA ILE D 63 14.51 -23.80 -4.31
C ILE D 63 13.04 -23.39 -4.40
N VAL D 64 12.68 -22.65 -5.45
CA VAL D 64 11.30 -22.14 -5.60
C VAL D 64 10.29 -23.26 -5.85
N ASP D 65 10.74 -24.35 -6.47
CA ASP D 65 9.88 -25.53 -6.64
C ASP D 65 9.64 -26.25 -5.31
N TYR D 66 10.69 -26.39 -4.50
CA TYR D 66 10.57 -27.03 -3.21
C TYR D 66 9.62 -26.27 -2.31
N LEU D 67 9.80 -24.95 -2.25
CA LEU D 67 8.94 -24.10 -1.43
C LEU D 67 7.50 -24.16 -1.91
N ASP D 68 7.31 -24.24 -3.23
CA ASP D 68 5.96 -24.35 -3.80
C ASP D 68 5.29 -25.70 -3.55
N LYS D 69 6.07 -26.78 -3.56
CA LYS D 69 5.48 -28.12 -3.56
C LYS D 69 5.48 -28.89 -2.22
N MET D 70 6.14 -28.35 -1.20
CA MET D 70 6.25 -29.01 0.12
C MET D 70 4.91 -29.15 0.84
N LYS D 71 4.81 -30.14 1.74
CA LYS D 71 3.63 -30.28 2.59
C LYS D 71 3.61 -29.18 3.65
N ARG D 72 2.41 -28.69 3.96
CA ARG D 72 2.22 -27.51 4.80
C ARG D 72 1.23 -27.75 5.93
N GLY D 73 1.38 -26.98 7.01
CA GLY D 73 0.31 -26.74 7.96
C GLY D 73 -0.52 -25.57 7.46
N PRO D 74 -1.11 -24.78 8.38
CA PRO D 74 -2.00 -23.68 7.97
C PRO D 74 -1.23 -22.40 7.57
N GLN D 75 -0.64 -21.71 8.54
CA GLN D 75 0.10 -20.48 8.29
C GLN D 75 1.59 -20.78 8.12
N ILE D 76 2.26 -19.94 7.32
CA ILE D 76 3.70 -20.05 7.07
C ILE D 76 4.33 -18.65 7.03
N VAL D 77 5.65 -18.61 6.87
CA VAL D 77 6.35 -17.35 6.57
C VAL D 77 6.57 -17.28 5.07
N HIS D 78 5.90 -16.32 4.43
CA HIS D 78 5.90 -16.20 2.98
C HIS D 78 7.24 -15.70 2.42
N PRO D 79 7.57 -16.10 1.18
CA PRO D 79 8.83 -15.77 0.54
C PRO D 79 9.24 -14.29 0.71
N LYS D 80 8.31 -13.37 0.46
CA LYS D 80 8.59 -11.93 0.57
C LYS D 80 9.13 -11.52 1.95
N ASP D 81 8.63 -12.14 3.01
CA ASP D 81 9.05 -11.83 4.37
C ASP D 81 10.46 -12.35 4.64
N ALA D 82 10.72 -13.59 4.21
CA ALA D 82 12.04 -14.19 4.30
C ALA D 82 13.03 -13.44 3.42
N ALA D 83 12.59 -13.00 2.24
CA ALA D 83 13.40 -12.16 1.35
C ALA D 83 13.99 -10.96 2.06
N LEU D 84 13.15 -10.28 2.84
CA LEU D 84 13.57 -9.04 3.49
C LEU D 84 14.39 -9.31 4.73
N ILE D 85 14.12 -10.44 5.38
CA ILE D 85 14.97 -10.93 6.45
C ILE D 85 16.37 -11.06 5.87
N VAL D 86 16.49 -11.80 4.77
CA VAL D 86 17.78 -12.00 4.11
C VAL D 86 18.46 -10.68 3.73
N ALA D 87 17.74 -9.82 3.03
CA ALA D 87 18.26 -8.53 2.60
C ALA D 87 18.68 -7.59 3.73
N TYR D 88 17.81 -7.39 4.70
CA TYR D 88 18.07 -6.40 5.73
C TYR D 88 19.01 -6.90 6.82
N ALA D 89 19.07 -8.22 7.01
CA ALA D 89 19.98 -8.78 8.01
C ALA D 89 21.32 -9.22 7.41
N GLY D 90 21.43 -9.19 6.08
CA GLY D 90 22.68 -9.48 5.38
C GLY D 90 23.07 -10.95 5.40
N ILE D 91 22.07 -11.83 5.43
CA ILE D 91 22.29 -13.27 5.50
C ILE D 91 23.09 -13.78 4.29
N SER D 92 24.28 -14.29 4.56
CA SER D 92 25.23 -14.60 3.52
C SER D 92 25.62 -16.07 3.56
N PRO D 93 26.15 -16.60 2.45
CA PRO D 93 26.66 -17.97 2.44
C PRO D 93 27.70 -18.19 3.53
N GLY D 94 27.54 -19.26 4.29
CA GLY D 94 28.48 -19.62 5.34
C GLY D 94 28.01 -19.27 6.73
N ASP D 95 26.86 -18.61 6.83
CA ASP D 95 26.31 -18.13 8.09
C ASP D 95 25.76 -19.26 8.96
N PHE D 96 25.85 -19.04 10.27
CA PHE D 96 25.30 -19.92 11.28
C PHE D 96 24.08 -19.21 11.86
N ILE D 97 22.90 -19.78 11.63
CA ILE D 97 21.63 -19.18 12.02
C ILE D 97 20.86 -20.03 13.04
N VAL D 98 20.31 -19.38 14.05
CA VAL D 98 19.41 -20.04 14.97
C VAL D 98 17.98 -19.55 14.71
N GLU D 99 17.06 -20.46 14.42
CA GLU D 99 15.67 -20.09 14.24
C GLU D 99 14.74 -20.93 15.09
N ALA D 100 13.69 -20.29 15.62
CA ALA D 100 12.72 -20.99 16.43
C ALA D 100 11.36 -20.68 15.90
N GLY D 101 10.54 -21.73 15.92
CA GLY D 101 9.37 -21.80 15.11
C GLY D 101 9.85 -22.34 13.78
N VAL D 102 10.08 -23.65 13.72
CA VAL D 102 10.33 -24.30 12.43
C VAL D 102 9.03 -24.42 11.64
N GLY D 103 7.92 -24.67 12.34
CA GLY D 103 6.62 -24.89 11.70
C GLY D 103 6.74 -25.96 10.64
N SER D 104 6.28 -25.64 9.43
CA SER D 104 6.27 -26.59 8.31
C SER D 104 7.64 -26.73 7.67
N GLY D 105 8.57 -25.84 8.04
CA GLY D 105 9.93 -25.87 7.52
C GLY D 105 10.16 -24.92 6.36
N ALA D 106 9.20 -24.02 6.12
CA ALA D 106 9.27 -23.06 5.00
C ALA D 106 10.43 -22.08 5.12
N LEU D 107 10.42 -21.28 6.20
CA LEU D 107 11.48 -20.33 6.45
C LEU D 107 12.84 -21.03 6.50
N THR D 108 12.90 -22.13 7.26
CA THR D 108 14.12 -22.89 7.42
C THR D 108 14.69 -23.34 6.08
N LEU D 109 13.84 -23.85 5.21
CA LEU D 109 14.25 -24.17 3.84
C LEU D 109 14.83 -22.96 3.12
N PHE D 110 14.18 -21.80 3.24
CA PHE D 110 14.66 -20.59 2.57
C PHE D 110 16.08 -20.22 3.03
N LEU D 111 16.26 -20.21 4.34
CA LEU D 111 17.53 -19.84 4.96
C LEU D 111 18.62 -20.87 4.69
N ALA D 112 18.24 -22.15 4.72
CA ALA D 112 19.17 -23.23 4.40
C ALA D 112 19.75 -23.03 3.01
N ASN D 113 18.89 -22.72 2.04
CA ASN D 113 19.37 -22.46 0.70
C ASN D 113 20.25 -21.22 0.60
N ILE D 114 19.96 -20.17 1.36
CA ILE D 114 20.81 -18.97 1.33
C ILE D 114 22.19 -19.22 1.93
N VAL D 115 22.27 -19.98 3.01
CA VAL D 115 23.56 -20.14 3.71
C VAL D 115 24.53 -21.11 3.02
N GLY D 116 23.99 -21.99 2.19
CA GLY D 116 24.80 -22.92 1.42
C GLY D 116 25.21 -24.17 2.19
N PRO D 117 25.85 -25.12 1.49
CA PRO D 117 26.35 -26.34 2.12
C PRO D 117 27.25 -26.10 3.32
N GLU D 118 27.88 -24.93 3.41
CA GLU D 118 28.83 -24.62 4.49
C GLU D 118 28.27 -23.72 5.58
N GLY D 119 27.04 -23.24 5.36
CA GLY D 119 26.30 -22.56 6.41
C GLY D 119 25.64 -23.60 7.31
N ARG D 120 25.07 -23.16 8.43
CA ARG D 120 24.28 -24.04 9.27
C ARG D 120 23.01 -23.34 9.74
N VAL D 121 21.93 -24.11 9.89
CA VAL D 121 20.70 -23.62 10.50
C VAL D 121 20.31 -24.60 11.60
N VAL D 122 20.12 -24.08 12.81
CA VAL D 122 19.57 -24.88 13.90
C VAL D 122 18.18 -24.34 14.25
N SER D 123 17.16 -25.18 14.11
CA SER D 123 15.78 -24.76 14.39
C SER D 123 15.22 -25.44 15.63
N TYR D 124 14.70 -24.64 16.54
CA TYR D 124 14.01 -25.11 17.73
C TYR D 124 12.52 -25.26 17.46
N GLU D 125 11.89 -26.23 18.12
CA GLU D 125 10.45 -26.49 17.93
C GLU D 125 9.88 -27.24 19.13
N ILE D 126 8.78 -26.74 19.67
CA ILE D 126 8.12 -27.34 20.85
C ILE D 126 7.05 -28.38 20.48
N ARG D 127 6.66 -28.40 19.22
CA ARG D 127 5.49 -29.16 18.77
C ARG D 127 6.01 -30.35 17.97
N GLU D 128 5.84 -31.55 18.52
CA GLU D 128 6.49 -32.75 18.00
C GLU D 128 6.04 -33.14 16.59
N ASP D 129 4.75 -32.96 16.30
CA ASP D 129 4.22 -33.21 14.95
C ASP D 129 4.79 -32.26 13.89
N PHE D 130 4.99 -31.00 14.26
CA PHE D 130 5.61 -30.02 13.35
C PHE D 130 7.07 -30.36 13.07
N ALA D 131 7.81 -30.68 14.11
CA ALA D 131 9.21 -31.07 13.96
C ALA D 131 9.38 -32.22 12.98
N LYS D 132 8.58 -33.28 13.14
CA LYS D 132 8.57 -34.41 12.19
C LYS D 132 8.23 -33.96 10.76
N LEU D 133 7.20 -33.12 10.63
CA LEU D 133 6.76 -32.59 9.35
C LEU D 133 7.84 -31.74 8.68
N ALA D 134 8.43 -30.83 9.46
CA ALA D 134 9.49 -29.96 8.96
C ALA D 134 10.69 -30.78 8.52
N TRP D 135 11.10 -31.73 9.36
CA TRP D 135 12.22 -32.60 9.02
C TRP D 135 11.95 -33.41 7.76
N GLU D 136 10.69 -33.80 7.57
CA GLU D 136 10.27 -34.51 6.36
C GLU D 136 10.60 -33.69 5.11
N ASN D 137 10.23 -32.41 5.14
CA ASN D 137 10.49 -31.48 4.03
C ASN D 137 11.95 -31.18 3.75
N ILE D 138 12.77 -31.02 4.80
CA ILE D 138 14.17 -30.67 4.56
C ILE D 138 15.00 -31.83 3.96
N LYS D 139 14.72 -33.07 4.37
CA LYS D 139 15.35 -34.25 3.78
C LYS D 139 14.93 -34.34 2.33
N TRP D 140 13.65 -34.07 2.12
CA TRP D 140 13.03 -34.04 0.81
C TRP D 140 13.69 -32.99 -0.07
N ALA D 141 13.86 -31.78 0.44
CA ALA D 141 14.51 -30.73 -0.33
C ALA D 141 16.03 -30.87 -0.43
N GLY D 142 16.62 -31.71 0.43
CA GLY D 142 18.03 -32.06 0.31
C GLY D 142 18.94 -31.21 1.17
N PHE D 143 18.36 -30.59 2.20
CA PHE D 143 19.11 -29.70 3.09
C PHE D 143 19.38 -30.36 4.42
N ASP D 144 19.08 -31.64 4.45
CA ASP D 144 19.73 -32.67 5.25
C ASP D 144 21.11 -32.30 5.86
N ASP D 145 22.02 -31.88 5.00
CA ASP D 145 23.43 -31.62 5.34
C ASP D 145 23.66 -30.45 6.30
N ARG D 146 22.79 -29.45 6.24
CA ARG D 146 23.08 -28.16 6.86
C ARG D 146 22.10 -27.74 7.93
N VAL D 147 21.02 -28.51 8.09
CA VAL D 147 19.94 -28.17 9.00
C VAL D 147 19.83 -29.18 10.14
N THR D 148 19.53 -28.67 11.32
CA THR D 148 19.31 -29.47 12.51
C THR D 148 18.06 -28.95 13.18
N ILE D 149 17.14 -29.85 13.51
CA ILE D 149 15.91 -29.48 14.19
C ILE D 149 15.93 -30.00 15.62
N LYS D 150 15.89 -29.06 16.58
CA LYS D 150 15.85 -29.40 18.00
C LYS D 150 14.42 -29.36 18.50
N LEU D 151 14.03 -30.40 19.21
CA LEU D 151 12.75 -30.41 19.90
C LEU D 151 12.93 -29.82 21.30
N LYS D 152 12.98 -28.49 21.37
CA LYS D 152 13.32 -27.79 22.59
C LYS D 152 12.65 -26.43 22.63
N ASP D 153 12.16 -26.03 23.80
CA ASP D 153 11.63 -24.70 24.01
C ASP D 153 12.79 -23.71 24.00
N ILE D 154 12.79 -22.80 23.03
CA ILE D 154 13.88 -21.82 22.88
C ILE D 154 13.92 -20.82 24.03
N TYR D 155 12.82 -20.70 24.78
CA TYR D 155 12.73 -19.78 25.93
C TYR D 155 13.63 -20.23 27.08
N GLU D 156 14.03 -21.49 27.05
CA GLU D 156 14.90 -22.06 28.07
C GLU D 156 16.33 -21.60 27.82
N GLY D 157 16.62 -21.18 26.59
CA GLY D 157 17.95 -20.71 26.22
C GLY D 157 18.42 -21.16 24.85
N ILE D 158 19.57 -20.63 24.46
CA ILE D 158 20.20 -20.97 23.19
C ILE D 158 21.57 -21.55 23.50
N GLU D 159 21.72 -22.84 23.22
CA GLU D 159 22.94 -23.55 23.56
C GLU D 159 24.06 -23.24 22.57
N GLU D 160 23.67 -22.77 21.39
CA GLU D 160 24.62 -22.40 20.35
C GLU D 160 25.28 -21.08 20.66
N GLU D 161 26.46 -20.86 20.12
CA GLU D 161 27.18 -19.61 20.38
C GLU D 161 27.92 -19.14 19.13
N ASN D 162 28.30 -17.86 19.13
CA ASN D 162 28.85 -17.19 17.93
C ASN D 162 27.98 -17.39 16.71
N VAL D 163 26.68 -17.18 16.89
CA VAL D 163 25.74 -17.33 15.80
C VAL D 163 25.66 -16.00 15.05
N ASP D 164 25.44 -16.10 13.74
CA ASP D 164 25.34 -14.92 12.92
C ASP D 164 23.98 -14.23 13.07
N HIS D 165 22.91 -15.01 13.16
CA HIS D 165 21.55 -14.49 13.20
C HIS D 165 20.63 -15.36 14.00
N VAL D 166 19.83 -14.72 14.84
CA VAL D 166 18.71 -15.38 15.53
C VAL D 166 17.41 -14.92 14.89
N ILE D 167 16.66 -15.84 14.29
CA ILE D 167 15.47 -15.52 13.51
C ILE D 167 14.22 -16.23 14.00
N LEU D 168 13.24 -15.47 14.47
CA LEU D 168 12.08 -15.98 15.18
C LEU D 168 10.76 -15.72 14.48
N ASP D 169 9.88 -16.73 14.48
CA ASP D 169 8.48 -16.55 14.12
C ASP D 169 7.53 -17.15 15.17
N LEU D 170 7.78 -16.85 16.43
CA LEU D 170 7.04 -17.48 17.53
C LEU D 170 6.27 -16.45 18.33
N PRO D 171 5.33 -16.90 19.21
CA PRO D 171 4.42 -15.91 19.80
C PRO D 171 5.07 -14.83 20.64
N GLN D 172 6.17 -15.15 21.32
CA GLN D 172 6.78 -14.21 22.27
C GLN D 172 8.28 -14.00 22.10
N PRO D 173 8.70 -13.30 21.03
CA PRO D 173 10.13 -13.10 20.79
C PRO D 173 10.86 -12.36 21.92
N GLU D 174 10.14 -11.55 22.68
CA GLU D 174 10.74 -10.82 23.80
C GLU D 174 11.41 -11.78 24.80
N ARG D 175 10.88 -12.99 24.90
CA ARG D 175 11.45 -14.00 25.79
C ARG D 175 12.68 -14.71 25.20
N VAL D 176 13.18 -14.22 24.07
CA VAL D 176 14.42 -14.75 23.48
C VAL D 176 15.53 -13.68 23.45
N VAL D 177 15.22 -12.44 23.82
CA VAL D 177 16.18 -11.33 23.62
C VAL D 177 17.48 -11.47 24.42
N GLU D 178 17.35 -11.69 25.73
CA GLU D 178 18.49 -11.92 26.61
C GLU D 178 19.38 -13.05 26.07
N HIS D 179 18.75 -14.16 25.69
CA HIS D 179 19.47 -15.32 25.18
C HIS D 179 20.26 -15.01 23.92
N ALA D 180 19.66 -14.23 23.01
CA ALA D 180 20.23 -13.95 21.71
C ALA D 180 21.40 -12.99 21.84
N ALA D 181 21.29 -12.07 22.79
CA ALA D 181 22.39 -11.16 23.11
C ALA D 181 23.68 -11.92 23.48
N LYS D 182 23.55 -13.06 24.18
CA LYS D 182 24.72 -13.85 24.54
C LYS D 182 25.18 -14.74 23.40
N ALA D 183 24.24 -15.19 22.57
CA ALA D 183 24.54 -16.13 21.50
C ALA D 183 25.15 -15.49 20.23
N LEU D 184 24.78 -14.25 19.95
CA LEU D 184 25.17 -13.63 18.70
C LEU D 184 26.59 -13.12 18.71
N LYS D 185 27.29 -13.29 17.59
CA LYS D 185 28.53 -12.57 17.33
C LYS D 185 28.31 -11.07 17.49
N PRO D 186 29.36 -10.32 17.87
CA PRO D 186 29.28 -8.88 17.75
C PRO D 186 28.95 -8.55 16.29
N GLY D 187 27.88 -7.77 16.08
CA GLY D 187 27.44 -7.44 14.72
C GLY D 187 26.34 -8.30 14.15
N GLY D 188 25.95 -9.35 14.87
CA GLY D 188 24.94 -10.28 14.39
C GLY D 188 23.55 -9.69 14.53
N PHE D 189 22.57 -10.38 13.97
CA PHE D 189 21.23 -9.83 13.96
C PHE D 189 20.23 -10.66 14.76
N PHE D 190 19.45 -9.97 15.59
CA PHE D 190 18.20 -10.49 16.11
C PHE D 190 17.10 -10.13 15.11
N VAL D 191 16.36 -11.12 14.62
CA VAL D 191 15.25 -10.85 13.69
C VAL D 191 13.97 -11.52 14.16
N ALA D 192 12.90 -10.76 14.32
CA ALA D 192 11.61 -11.34 14.73
C ALA D 192 10.45 -10.95 13.81
N TYR D 193 9.69 -11.97 13.42
CA TYR D 193 8.50 -11.82 12.60
C TYR D 193 7.26 -11.99 13.49
N THR D 194 6.49 -10.91 13.64
CA THR D 194 5.31 -10.92 14.49
C THR D 194 4.07 -10.42 13.74
N PRO D 195 3.00 -11.23 13.68
CA PRO D 195 1.75 -10.81 13.00
C PRO D 195 1.04 -9.57 13.58
N CYS D 196 0.96 -9.45 14.91
CA CYS D 196 0.25 -8.30 15.52
C CYS D 196 1.17 -7.17 15.94
N SER D 197 0.60 -5.97 16.02
CA SER D 197 1.30 -4.81 16.56
C SER D 197 1.49 -4.85 18.08
N ASN D 198 0.72 -5.72 18.74
CA ASN D 198 0.86 -5.95 20.19
C ASN D 198 2.21 -6.56 20.48
N GLN D 199 2.47 -7.64 19.76
CA GLN D 199 3.74 -8.34 19.74
C GLN D 199 4.91 -7.40 19.53
N VAL D 200 4.77 -6.49 18.58
CA VAL D 200 5.82 -5.51 18.25
C VAL D 200 6.06 -4.54 19.40
N MET D 201 4.98 -4.06 20.03
CA MET D 201 5.04 -3.19 21.19
C MET D 201 5.83 -3.86 22.33
N ARG D 202 5.38 -5.06 22.69
CA ARG D 202 6.03 -5.89 23.70
C ARG D 202 7.50 -6.18 23.36
N LEU D 203 7.76 -6.60 22.12
CA LEU D 203 9.13 -6.84 21.67
C LEU D 203 10.00 -5.58 21.71
N HIS D 204 9.44 -4.44 21.37
CA HIS D 204 10.20 -3.19 21.38
C HIS D 204 10.52 -2.77 22.80
N GLU D 205 9.61 -3.07 23.72
CA GLU D 205 9.85 -2.84 25.14
C GLU D 205 11.07 -3.61 25.67
N LYS D 206 11.14 -4.91 25.35
CA LYS D 206 12.26 -5.74 25.74
C LYS D 206 13.59 -5.25 25.16
N LEU D 207 13.59 -4.85 23.89
CA LEU D 207 14.79 -4.35 23.24
C LEU D 207 15.23 -2.98 23.78
N ARG D 208 14.25 -2.14 24.14
CA ARG D 208 14.50 -0.87 24.83
C ARG D 208 15.29 -1.13 26.11
N GLU D 209 14.78 -2.06 26.92
CA GLU D 209 15.44 -2.50 28.14
C GLU D 209 16.84 -3.09 27.91
N PHE D 210 17.07 -3.70 26.74
CA PHE D 210 18.41 -4.15 26.35
C PHE D 210 19.12 -3.18 25.40
N LYS D 211 18.91 -1.89 25.62
CA LYS D 211 19.52 -0.83 24.81
C LYS D 211 21.03 -1.02 24.64
N ASP D 212 21.73 -1.29 25.73
CA ASP D 212 23.20 -1.44 25.69
C ASP D 212 23.69 -2.79 25.10
N TYR D 213 22.76 -3.62 24.64
CA TYR D 213 23.08 -4.88 23.96
C TYR D 213 22.78 -4.85 22.45
N PHE D 214 21.94 -3.92 22.02
CA PHE D 214 21.58 -3.82 20.60
C PHE D 214 21.55 -2.38 20.12
N MET D 215 21.83 -2.20 18.84
CA MET D 215 21.64 -0.91 18.18
C MET D 215 20.12 -0.62 18.12
N LYS D 216 19.76 0.59 17.66
CA LYS D 216 18.36 0.97 17.45
C LYS D 216 17.65 -0.06 16.59
N PRO D 217 16.58 -0.66 17.11
CA PRO D 217 15.78 -1.60 16.32
C PRO D 217 14.94 -0.90 15.25
N ARG D 218 14.75 -1.57 14.14
CA ARG D 218 13.86 -1.10 13.11
C ARG D 218 12.82 -2.18 12.81
N THR D 219 11.58 -1.76 12.55
CA THR D 219 10.47 -2.67 12.31
C THR D 219 9.87 -2.31 10.97
N ILE D 220 9.62 -3.32 10.15
CA ILE D 220 9.14 -3.07 8.80
C ILE D 220 7.94 -3.93 8.46
N ASN D 221 7.24 -3.54 7.40
CA ASN D 221 6.09 -4.27 6.90
C ASN D 221 6.18 -4.23 5.40
N VAL D 222 6.12 -5.39 4.76
CA VAL D 222 6.39 -5.52 3.33
C VAL D 222 5.16 -5.98 2.54
N LEU D 223 4.81 -5.22 1.50
CA LEU D 223 3.66 -5.50 0.65
C LEU D 223 4.08 -5.75 -0.78
N VAL D 224 3.45 -6.72 -1.43
CA VAL D 224 3.81 -7.07 -2.80
C VAL D 224 2.58 -7.10 -3.68
N PHE D 225 2.49 -6.14 -4.60
CA PHE D 225 1.40 -6.11 -5.56
C PHE D 225 1.79 -6.77 -6.88
N ASP D 226 1.05 -7.81 -7.26
CA ASP D 226 1.13 -8.34 -8.61
C ASP D 226 0.45 -7.36 -9.57
N GLN D 227 0.87 -7.40 -10.84
CA GLN D 227 0.31 -6.53 -11.87
C GLN D 227 -0.30 -7.38 -12.96
N GLU D 228 -1.53 -7.06 -13.35
CA GLU D 228 -2.16 -7.76 -14.45
C GLU D 228 -1.80 -6.99 -15.72
N VAL D 229 -0.95 -7.59 -16.54
CA VAL D 229 -0.44 -6.95 -17.75
C VAL D 229 -0.96 -7.66 -19.00
N LYS D 230 -1.83 -6.98 -19.74
CA LYS D 230 -2.36 -7.47 -21.02
C LYS D 230 -1.96 -6.53 -22.14
N LYS D 231 -2.29 -6.90 -23.38
CA LYS D 231 -1.96 -6.09 -24.54
C LYS D 231 -2.66 -4.74 -24.45
N GLU D 232 -3.91 -4.77 -24.05
CA GLU D 232 -4.72 -3.55 -23.98
C GLU D 232 -4.71 -2.87 -22.62
N CYS D 233 -4.39 -3.62 -21.56
CA CYS D 233 -4.60 -3.10 -20.20
C CYS D 233 -3.56 -3.54 -19.15
N MET D 234 -2.90 -2.56 -18.54
CA MET D 234 -2.03 -2.81 -17.40
C MET D 234 -2.55 -2.16 -16.11
N ARG D 235 -3.05 -2.99 -15.20
CA ARG D 235 -3.51 -2.51 -13.92
C ARG D 235 -2.92 -3.38 -12.80
N PRO D 236 -2.83 -2.85 -11.57
CA PRO D 236 -2.51 -3.72 -10.45
C PRO D 236 -3.62 -4.74 -10.28
N ARG D 237 -3.27 -5.97 -9.94
CA ARG D 237 -4.28 -7.00 -9.68
C ARG D 237 -5.27 -6.49 -8.64
N THR D 238 -6.55 -6.78 -8.85
CA THR D 238 -7.63 -6.30 -8.00
C THR D 238 -7.40 -6.60 -6.51
N THR D 239 -7.13 -7.87 -6.21
CA THR D 239 -6.95 -8.38 -4.86
C THR D 239 -5.47 -8.68 -4.58
N ALA D 240 -5.04 -8.49 -3.33
CA ALA D 240 -3.65 -8.75 -2.94
C ALA D 240 -3.49 -9.08 -1.47
N LEU D 241 -2.42 -9.81 -1.13
CA LEU D 241 -2.09 -10.09 0.25
C LEU D 241 -1.38 -8.88 0.86
N VAL D 242 -2.06 -8.25 1.80
CA VAL D 242 -1.65 -6.93 2.27
C VAL D 242 -0.86 -6.99 3.58
N HIS D 243 -1.03 -8.08 4.32
CA HIS D 243 -0.33 -8.19 5.58
C HIS D 243 -0.17 -9.63 6.00
N THR D 244 1.07 -9.99 6.27
CA THR D 244 1.41 -11.28 6.83
C THR D 244 1.94 -11.06 8.24
N GLY D 245 2.99 -10.23 8.35
CA GLY D 245 3.54 -9.85 9.65
C GLY D 245 4.57 -8.75 9.60
N TYR D 246 4.81 -8.12 10.75
CA TYR D 246 5.88 -7.12 10.91
C TYR D 246 7.19 -7.85 11.15
N ILE D 247 8.26 -7.29 10.63
CA ILE D 247 9.60 -7.80 10.88
C ILE D 247 10.47 -6.78 11.61
N THR D 248 11.04 -7.19 12.73
CA THR D 248 11.91 -6.35 13.55
C THR D 248 13.39 -6.79 13.49
N PHE D 249 14.30 -5.84 13.26
CA PHE D 249 15.74 -6.12 13.15
C PHE D 249 16.48 -5.37 14.25
N ALA D 250 17.45 -6.03 14.87
CA ALA D 250 18.36 -5.34 15.80
C ALA D 250 19.73 -5.97 15.71
N ARG D 251 20.75 -5.14 15.50
CA ARG D 251 22.12 -5.62 15.50
C ARG D 251 22.70 -5.62 16.89
N ARG D 252 23.44 -6.66 17.20
CA ARG D 252 24.03 -6.86 18.53
C ARG D 252 25.18 -5.89 18.84
N ILE D 253 25.01 -5.14 19.93
CA ILE D 253 25.88 -4.02 20.42
C ILE D 253 26.75 -3.31 19.36
N SAH E . 16.82 3.86 -13.92
CA SAH E . 17.16 4.11 -15.36
CB SAH E . 18.14 3.04 -15.84
CG SAH E . 19.58 3.55 -15.95
SD SAH E . 20.55 2.49 -16.99
C SAH E . 15.87 4.11 -16.16
O SAH E . 14.89 4.77 -15.80
OXT SAH E . 15.75 3.47 -17.22
C5' SAH E . 21.33 1.43 -15.80
C4' SAH E . 22.76 1.03 -16.18
O4' SAH E . 22.79 0.14 -17.31
C3' SAH E . 23.65 2.20 -16.56
O3' SAH E . 24.89 1.98 -15.90
C2' SAH E . 23.81 2.09 -18.07
O2' SAH E . 25.02 2.67 -18.55
C1' SAH E . 23.76 0.58 -18.27
N9 SAH E . 23.31 0.13 -19.60
C8 SAH E . 22.34 0.67 -20.36
N7 SAH E . 22.19 -0.03 -21.52
C5 SAH E . 23.07 -1.04 -21.50
C6 SAH E . 23.44 -2.16 -22.40
N6 SAH E . 22.80 -2.31 -23.58
N1 SAH E . 24.41 -3.01 -22.01
C2 SAH E . 25.05 -2.85 -20.84
N3 SAH E . 24.76 -1.86 -19.97
C4 SAH E . 23.80 -0.93 -20.23
N SAH F . -3.03 16.01 20.70
CA SAH F . -2.88 16.41 19.27
CB SAH F . -4.08 16.03 18.39
CG SAH F . -5.23 15.31 19.10
SD SAH F . -6.28 16.47 19.94
C SAH F . -2.60 17.89 19.14
O SAH F . -1.83 18.30 18.27
OXT SAH F . -3.12 18.73 19.89
C5' SAH F . -7.12 17.31 18.62
C4' SAH F . -7.94 18.50 19.11
O4' SAH F . -8.89 18.12 20.11
C3' SAH F . -7.14 19.63 19.73
O3' SAH F . -7.67 20.83 19.16
C2' SAH F . -7.44 19.58 21.21
O2' SAH F . -7.38 20.86 21.81
C1' SAH F . -8.86 19.05 21.20
N9 SAH F . -9.34 18.32 22.39
C8 SAH F . -8.67 17.39 23.10
N7 SAH F . -9.46 16.89 24.08
C5 SAH F . -10.66 17.50 24.01
C6 SAH F . -11.95 17.45 24.74
N6 SAH F . -12.13 16.63 25.80
N1 SAH F . -12.95 18.26 24.32
C2 SAH F . -12.79 19.08 23.27
N3 SAH F . -11.65 19.18 22.57
C4 SAH F . -10.57 18.43 22.88
N SAH G . -17.37 -1.13 -19.64
CA SAH G . -17.02 -1.24 -18.19
CB SAH G . -16.86 0.12 -17.50
CG SAH G . -16.74 1.32 -18.46
SD SAH G . -18.29 1.61 -19.25
C SAH G . -18.07 -2.04 -17.46
O SAH G . -17.82 -2.52 -16.35
OXT SAH G . -19.20 -2.25 -17.94
C5' SAH G . -19.22 2.42 -17.98
C4' SAH G . -20.64 2.76 -18.40
O4' SAH G . -20.64 3.86 -19.33
C3' SAH G . -21.38 1.64 -19.10
O3' SAH G . -22.66 1.53 -18.49
C2' SAH G . -21.55 2.10 -20.54
O2' SAH G . -22.79 1.62 -21.10
C1' SAH G . -21.50 3.61 -20.42
N9 SAH G . -20.90 4.33 -21.57
C8 SAH G . -19.81 3.98 -22.26
N7 SAH G . -19.53 4.91 -23.22
C5 SAH G . -20.45 5.86 -23.13
C6 SAH G . -20.76 7.13 -23.83
N6 SAH G . -19.98 7.55 -24.85
N1 SAH G . -21.82 7.85 -23.41
C2 SAH G . -22.58 7.45 -22.39
N3 SAH G . -22.38 6.32 -21.72
C4 SAH G . -21.35 5.49 -22.03
N SAH H . 1.45 -16.50 14.58
CA SAH H . 2.03 -16.94 15.89
CB SAH H . 3.24 -17.83 15.64
CG SAH H . 2.86 -19.30 15.69
SD SAH H . 4.20 -20.17 16.43
C SAH H . 2.40 -15.74 16.72
O SAH H . 1.60 -15.25 17.51
OXT SAH H . 3.51 -15.19 16.64
C5' SAH H . 5.06 -20.73 15.00
C4' SAH H . 5.85 -22.00 15.30
O4' SAH H . 6.77 -21.78 16.39
C3' SAH H . 5.00 -23.19 15.71
O3' SAH H . 5.49 -24.29 14.95
C2' SAH H . 5.27 -23.37 17.21
O2' SAH H . 5.23 -24.73 17.62
C1' SAH H . 6.67 -22.84 17.36
N9 SAH H . 6.97 -22.32 18.72
C8 SAH H . 6.17 -21.56 19.49
N7 SAH H . 6.77 -21.28 20.68
C5 SAH H . 7.99 -21.86 20.65
C6 SAH H . 9.15 -21.97 21.57
N6 SAH H . 9.13 -21.37 22.79
N1 SAH H . 10.23 -22.67 21.16
C2 SAH H . 10.26 -23.27 19.96
N3 SAH H . 9.25 -23.23 19.09
C4 SAH H . 8.11 -22.55 19.37
#